data_8ER0
#
_entry.id   8ER0
#
_cell.length_a   87.086
_cell.length_b   52.212
_cell.length_c   94.871
_cell.angle_alpha   90.000
_cell.angle_beta   95.440
_cell.angle_gamma   90.000
#
_symmetry.space_group_name_H-M   'P 1 21 1'
#
loop_
_entity.id
_entity.type
_entity.pdbx_description
1 polymer 'Flavin-dependent monooxygenase'
2 non-polymer 5A,6-ANHYDROTETRACYCLINE
3 non-polymer 'FLAVIN-ADENINE DINUCLEOTIDE'
4 water water
#
_entity_poly.entity_id   1
_entity_poly.type   'polypeptide(L)'
_entity_poly.pdbx_seq_one_letter_code
;MTSSSHHHHHHSSGKLMTLKPANKNMTLLKHKKITIIGAGPVGLTMARLLQQNGVDITVYERDKDQDARIFGGTLDLHRD
SGQEAMKRAGLLQTYYDLALPMGVNIVDEKGNILTTKNVRPENRFDNPEINRNDLRTILLNSLQNDTVIWDRKLVTLEPD
KEKWILTFEDKSSETADLVIIANGGMSKVRKFVTDTEVEETGTFNIQADIHQPEVNCPGFFQLCNGNRLMAAHQGNLLFA
NPNNNGALHFGISFKTPDEWKSKTRVDFQDRNSVVDFLLKKFSDWDERYKELIRLTSSFVGLATRIFPLDKSWKSKRPLP
ITMIGDAAHLMPPFAGQGVNSGLMDALILSDNLTNGKFNSIEEAIENYEQQMFAYGREAQAESIINETEMFSLDFSFQKL
MNL
;
_entity_poly.pdbx_strand_id   A,B
#
loop_
_chem_comp.id
_chem_comp.type
_chem_comp.name
_chem_comp.formula
FAD non-polymer 'FLAVIN-ADENINE DINUCLEOTIDE' 'C27 H33 N9 O15 P2'
TDC non-polymer 5A,6-ANHYDROTETRACYCLINE 'C22 H22 N2 O7'
#
# COMPACT_ATOMS: atom_id res chain seq x y z
N THR A 27 -19.26 -23.78 -19.39
CA THR A 27 -20.23 -24.37 -20.30
C THR A 27 -21.65 -23.91 -19.96
N LEU A 28 -21.83 -23.36 -18.76
CA LEU A 28 -23.14 -22.86 -18.37
C LEU A 28 -23.63 -21.76 -19.30
N LEU A 29 -22.72 -20.93 -19.80
CA LEU A 29 -23.06 -19.74 -20.56
C LEU A 29 -22.96 -19.96 -22.07
N LYS A 30 -22.84 -21.20 -22.52
CA LYS A 30 -22.78 -21.49 -23.94
C LYS A 30 -24.01 -20.93 -24.65
N HIS A 31 -23.77 -20.11 -25.67
CA HIS A 31 -24.84 -19.55 -26.50
C HIS A 31 -25.82 -18.72 -25.68
N LYS A 32 -25.38 -18.18 -24.55
CA LYS A 32 -26.21 -17.34 -23.71
C LYS A 32 -25.87 -15.88 -23.93
N LYS A 33 -26.88 -15.06 -24.18
CA LYS A 33 -26.72 -13.62 -24.22
C LYS A 33 -26.90 -13.07 -22.81
N ILE A 34 -25.85 -12.48 -22.27
CA ILE A 34 -25.86 -11.92 -20.92
C ILE A 34 -25.83 -10.40 -21.04
N THR A 35 -26.82 -9.75 -20.45
CA THR A 35 -26.89 -8.30 -20.42
C THR A 35 -26.72 -7.80 -18.99
N ILE A 36 -25.90 -6.78 -18.83
CA ILE A 36 -25.70 -6.10 -17.55
C ILE A 36 -26.35 -4.73 -17.65
N ILE A 37 -27.19 -4.40 -16.66
CA ILE A 37 -27.86 -3.11 -16.62
C ILE A 37 -27.04 -2.19 -15.73
N GLY A 38 -26.40 -1.21 -16.34
CA GLY A 38 -25.63 -0.24 -15.59
C GLY A 38 -24.14 -0.38 -15.80
N ALA A 39 -23.49 0.71 -16.22
CA ALA A 39 -22.05 0.78 -16.42
C ALA A 39 -21.36 1.52 -15.29
N GLY A 40 -21.77 1.28 -14.05
CA GLY A 40 -21.02 1.73 -12.92
C GLY A 40 -19.75 0.91 -12.76
N PRO A 41 -18.99 1.20 -11.70
CA PRO A 41 -17.82 0.37 -11.42
C PRO A 41 -18.14 -1.11 -11.29
N VAL A 42 -19.26 -1.45 -10.63
CA VAL A 42 -19.58 -2.85 -10.41
C VAL A 42 -20.03 -3.51 -11.70
N GLY A 43 -20.88 -2.83 -12.48
CA GLY A 43 -21.37 -3.42 -13.72
C GLY A 43 -20.27 -3.61 -14.75
N LEU A 44 -19.35 -2.65 -14.85
CA LEU A 44 -18.28 -2.77 -15.85
C LEU A 44 -17.28 -3.84 -15.44
N THR A 45 -16.97 -3.95 -14.15
CA THR A 45 -16.09 -5.01 -13.69
C THR A 45 -16.70 -6.38 -13.97
N MET A 46 -18.00 -6.53 -13.70
CA MET A 46 -18.68 -7.77 -14.03
C MET A 46 -18.59 -8.06 -15.51
N ALA A 47 -18.79 -7.04 -16.35
CA ALA A 47 -18.67 -7.22 -17.80
C ALA A 47 -17.29 -7.71 -18.17
N ARG A 48 -16.25 -7.10 -17.59
CA ARG A 48 -14.89 -7.51 -17.92
C ARG A 48 -14.62 -8.94 -17.49
N LEU A 49 -15.08 -9.32 -16.29
CA LEU A 49 -14.81 -10.65 -15.77
C LEU A 49 -15.46 -11.72 -16.63
N LEU A 50 -16.70 -11.49 -17.08
CA LEU A 50 -17.33 -12.46 -17.95
C LEU A 50 -16.75 -12.39 -19.36
N GLN A 51 -16.53 -11.18 -19.89
CA GLN A 51 -16.11 -11.06 -21.28
C GLN A 51 -14.74 -11.68 -21.51
N GLN A 52 -13.82 -11.52 -20.56
CA GLN A 52 -12.48 -12.09 -20.73
C GLN A 52 -12.51 -13.61 -20.79
N ASN A 53 -13.62 -14.24 -20.41
CA ASN A 53 -13.79 -15.68 -20.52
C ASN A 53 -14.54 -16.09 -21.79
N GLY A 54 -14.73 -15.17 -22.73
CA GLY A 54 -15.36 -15.50 -23.99
C GLY A 54 -16.88 -15.40 -24.01
N VAL A 55 -17.47 -14.79 -23.00
CA VAL A 55 -18.93 -14.71 -22.90
C VAL A 55 -19.43 -13.55 -23.75
N ASP A 56 -20.66 -13.67 -24.25
CA ASP A 56 -21.31 -12.62 -25.03
C ASP A 56 -21.96 -11.64 -24.06
N ILE A 57 -21.36 -10.46 -23.91
CA ILE A 57 -21.74 -9.48 -22.90
C ILE A 57 -22.20 -8.19 -23.59
N THR A 58 -23.30 -7.64 -23.09
CA THR A 58 -23.73 -6.30 -23.44
C THR A 58 -24.07 -5.55 -22.17
N VAL A 59 -23.66 -4.28 -22.10
CA VAL A 59 -23.94 -3.40 -20.97
C VAL A 59 -24.80 -2.25 -21.46
N TYR A 60 -25.94 -2.03 -20.82
CA TYR A 60 -26.81 -0.91 -21.13
C TYR A 60 -26.65 0.15 -20.06
N GLU A 61 -26.30 1.37 -20.49
CA GLU A 61 -26.03 2.48 -19.58
C GLU A 61 -26.90 3.67 -19.98
N ARG A 62 -27.52 4.30 -18.99
CA ARG A 62 -28.41 5.43 -19.27
C ARG A 62 -27.63 6.69 -19.63
N ASP A 63 -26.43 6.86 -19.09
CA ASP A 63 -25.63 8.04 -19.42
C ASP A 63 -25.56 8.22 -20.93
N LYS A 64 -25.60 9.49 -21.34
CA LYS A 64 -25.70 9.81 -22.77
C LYS A 64 -24.54 9.22 -23.55
N ASP A 65 -23.32 9.38 -23.05
CA ASP A 65 -22.15 8.84 -23.74
C ASP A 65 -21.02 8.73 -22.73
N GLN A 66 -19.91 8.14 -23.20
CA GLN A 66 -18.80 7.80 -22.32
C GLN A 66 -18.10 9.02 -21.72
N ASP A 67 -18.37 10.21 -22.25
CA ASP A 67 -17.78 11.43 -21.71
C ASP A 67 -18.54 12.01 -20.54
N ALA A 68 -19.72 11.47 -20.21
CA ALA A 68 -20.51 12.01 -19.12
C ALA A 68 -19.70 11.98 -17.83
N ARG A 69 -19.71 13.10 -17.11
CA ARG A 69 -19.02 13.18 -15.83
C ARG A 69 -19.74 12.32 -14.79
N ILE A 70 -18.95 11.73 -13.90
CA ILE A 70 -19.49 10.99 -12.76
C ILE A 70 -19.26 11.86 -11.52
N PHE A 71 -20.36 12.24 -10.87
CA PHE A 71 -20.28 13.04 -9.67
C PHE A 71 -19.90 12.18 -8.48
N GLY A 72 -19.23 12.80 -7.51
CA GLY A 72 -18.85 12.16 -6.29
C GLY A 72 -17.36 12.23 -6.06
N GLY A 73 -16.93 11.59 -4.97
CA GLY A 73 -15.54 11.60 -4.57
C GLY A 73 -14.75 10.49 -5.24
N THR A 74 -13.56 10.24 -4.69
CA THR A 74 -12.70 9.19 -5.17
C THR A 74 -13.08 7.87 -4.52
N LEU A 75 -12.59 6.78 -5.11
CA LEU A 75 -12.82 5.44 -4.61
C LEU A 75 -11.51 4.80 -4.20
N ASP A 76 -11.55 4.02 -3.13
CA ASP A 76 -10.40 3.24 -2.65
C ASP A 76 -10.75 1.76 -2.77
N LEU A 77 -9.92 1.02 -3.50
CA LEU A 77 -10.10 -0.42 -3.63
C LEU A 77 -9.26 -1.12 -2.58
N HIS A 78 -9.91 -1.95 -1.77
CA HIS A 78 -9.23 -2.64 -0.68
C HIS A 78 -8.53 -3.89 -1.19
N ARG A 79 -7.40 -4.22 -0.56
CA ARG A 79 -6.57 -5.30 -1.04
C ARG A 79 -7.33 -6.63 -1.04
N ASP A 80 -8.18 -6.85 -0.03
CA ASP A 80 -8.83 -8.14 0.10
C ASP A 80 -9.96 -8.31 -0.92
N SER A 81 -10.69 -7.24 -1.23
CA SER A 81 -11.89 -7.36 -2.06
C SER A 81 -11.80 -6.64 -3.39
N GLY A 82 -11.67 -5.31 -3.39
CA GLY A 82 -11.74 -4.58 -4.65
C GLY A 82 -10.55 -4.84 -5.53
N GLN A 83 -9.36 -4.94 -4.94
CA GLN A 83 -8.16 -5.20 -5.72
C GLN A 83 -8.14 -6.62 -6.28
N GLU A 84 -8.72 -7.58 -5.55
CA GLU A 84 -8.85 -8.93 -6.09
C GLU A 84 -9.65 -8.91 -7.39
N ALA A 85 -10.74 -8.14 -7.43
CA ALA A 85 -11.54 -8.06 -8.64
C ALA A 85 -10.74 -7.44 -9.79
N MET A 86 -10.01 -6.35 -9.51
CA MET A 86 -9.19 -5.73 -10.55
C MET A 86 -8.04 -6.62 -10.96
N LYS A 87 -7.36 -7.24 -9.99
CA LYS A 87 -6.29 -8.16 -10.32
C LYS A 87 -6.79 -9.30 -11.19
N ARG A 88 -7.94 -9.86 -10.82
CA ARG A 88 -8.55 -10.94 -11.58
C ARG A 88 -8.92 -10.50 -12.99
N ALA A 89 -9.27 -9.22 -13.16
CA ALA A 89 -9.60 -8.67 -14.47
C ALA A 89 -8.37 -8.21 -15.23
N GLY A 90 -7.18 -8.28 -14.63
CA GLY A 90 -5.97 -7.84 -15.29
C GLY A 90 -5.75 -6.35 -15.28
N LEU A 91 -6.33 -5.62 -14.33
CA LEU A 91 -6.29 -4.17 -14.32
C LEU A 91 -5.65 -3.60 -13.05
N LEU A 92 -5.12 -4.46 -12.18
CA LEU A 92 -4.62 -3.96 -10.90
C LEU A 92 -3.53 -2.91 -11.10
N GLN A 93 -2.59 -3.17 -12.00
CA GLN A 93 -1.51 -2.22 -12.22
C GLN A 93 -2.02 -0.94 -12.87
N THR A 94 -2.99 -1.06 -13.78
CA THR A 94 -3.61 0.13 -14.36
C THR A 94 -4.25 0.98 -13.26
N TYR A 95 -4.92 0.33 -12.31
CA TYR A 95 -5.49 1.04 -11.17
C TYR A 95 -4.41 1.73 -10.36
N TYR A 96 -3.29 1.05 -10.11
CA TYR A 96 -2.20 1.65 -9.35
C TYR A 96 -1.63 2.87 -10.07
N ASP A 97 -1.48 2.78 -11.40
CA ASP A 97 -0.89 3.88 -12.15
C ASP A 97 -1.69 5.16 -12.00
N LEU A 98 -3.02 5.05 -11.93
CA LEU A 98 -3.89 6.21 -11.88
C LEU A 98 -4.30 6.62 -10.48
N ALA A 99 -4.19 5.71 -9.51
CA ALA A 99 -4.63 6.04 -8.16
C ALA A 99 -3.57 6.87 -7.45
N LEU A 100 -4.02 7.59 -6.42
CA LEU A 100 -3.15 8.45 -5.63
C LEU A 100 -3.25 8.05 -4.16
N PRO A 101 -2.15 7.70 -3.50
CA PRO A 101 -2.21 7.54 -2.04
C PRO A 101 -2.50 8.88 -1.38
N MET A 102 -3.36 8.86 -0.38
CA MET A 102 -3.81 10.07 0.29
C MET A 102 -3.62 9.91 1.80
N GLY A 103 -2.95 10.88 2.41
CA GLY A 103 -2.99 11.01 3.84
C GLY A 103 -4.30 11.60 4.32
N VAL A 104 -4.51 11.56 5.62
CA VAL A 104 -5.72 12.09 6.25
C VAL A 104 -5.32 12.97 7.42
N ASN A 105 -5.90 14.16 7.49
CA ASN A 105 -5.77 15.04 8.64
C ASN A 105 -7.12 15.14 9.34
N ILE A 106 -7.14 14.90 10.64
CA ILE A 106 -8.29 15.20 11.48
C ILE A 106 -8.11 16.62 12.00
N VAL A 107 -9.08 17.48 11.71
CA VAL A 107 -9.00 18.90 12.04
C VAL A 107 -10.23 19.26 12.86
N ASP A 108 -10.06 20.22 13.77
CA ASP A 108 -11.20 20.71 14.53
C ASP A 108 -11.88 21.83 13.74
N GLU A 109 -12.96 22.37 14.30
CA GLU A 109 -13.74 23.37 13.57
C GLU A 109 -13.00 24.69 13.42
N LYS A 110 -11.89 24.89 14.13
CA LYS A 110 -11.13 26.13 14.07
C LYS A 110 -9.91 26.04 13.16
N GLY A 111 -9.70 24.91 12.52
CA GLY A 111 -8.55 24.73 11.63
C GLY A 111 -7.35 24.08 12.26
N ASN A 112 -7.40 23.72 13.54
CA ASN A 112 -6.26 23.08 14.19
C ASN A 112 -6.21 21.61 13.79
N ILE A 113 -5.06 21.18 13.30
CA ILE A 113 -4.86 19.77 12.96
C ILE A 113 -4.66 19.00 14.25
N LEU A 114 -5.53 18.01 14.48
CA LEU A 114 -5.45 17.18 15.68
C LEU A 114 -4.58 15.96 15.46
N THR A 115 -4.76 15.27 14.33
CA THR A 115 -3.95 14.11 13.99
C THR A 115 -3.65 14.13 12.50
N THR A 116 -2.52 13.52 12.13
CA THR A 116 -2.06 13.45 10.75
C THR A 116 -1.64 12.01 10.46
N LYS A 117 -2.44 11.30 9.66
CA LYS A 117 -2.16 9.93 9.23
C LYS A 117 -1.65 9.98 7.80
N ASN A 118 -0.33 10.10 7.65
CA ASN A 118 0.29 10.14 6.33
C ASN A 118 0.48 8.73 5.78
N VAL A 119 0.90 8.65 4.51
CA VAL A 119 0.97 7.37 3.81
C VAL A 119 2.39 6.83 3.89
N ARG A 120 2.50 5.56 4.26
CA ARG A 120 3.78 4.86 4.14
C ARG A 120 4.07 4.64 2.66
N PRO A 121 5.28 4.95 2.18
CA PRO A 121 5.60 4.61 0.79
C PRO A 121 5.47 3.13 0.51
N GLU A 122 5.74 2.30 1.52
CA GLU A 122 5.60 0.85 1.35
C GLU A 122 4.14 0.42 1.26
N ASN A 123 3.25 1.13 1.96
CA ASN A 123 1.84 0.80 2.00
C ASN A 123 1.01 1.66 1.06
N ARG A 124 1.65 2.23 0.03
CA ARG A 124 0.96 3.18 -0.84
C ARG A 124 -0.01 2.47 -1.79
N PHE A 125 0.25 1.21 -2.10
CA PHE A 125 -0.66 0.40 -2.92
C PHE A 125 -1.75 -0.28 -2.10
N ASP A 126 -1.90 0.08 -0.81
CA ASP A 126 -2.88 -0.60 0.03
C ASP A 126 -4.31 -0.23 -0.35
N ASN A 127 -4.60 1.07 -0.49
CA ASN A 127 -5.92 1.51 -0.90
C ASN A 127 -5.86 2.92 -1.48
N PRO A 128 -5.08 3.15 -2.54
CA PRO A 128 -4.98 4.51 -3.07
C PRO A 128 -6.28 4.94 -3.74
N GLU A 129 -6.51 6.26 -3.69
CA GLU A 129 -7.75 6.82 -4.22
C GLU A 129 -7.67 6.97 -5.73
N ILE A 130 -8.77 6.62 -6.41
CA ILE A 130 -8.87 6.77 -7.85
C ILE A 130 -10.13 7.58 -8.17
N ASN A 131 -10.00 8.50 -9.12
CA ASN A 131 -11.14 9.25 -9.64
C ASN A 131 -12.14 8.30 -10.31
N ARG A 132 -13.43 8.61 -10.18
CA ARG A 132 -14.47 7.72 -10.69
C ARG A 132 -14.44 7.65 -12.21
N ASN A 133 -14.19 8.77 -12.89
CA ASN A 133 -14.12 8.74 -14.35
C ASN A 133 -12.89 7.96 -14.81
N ASP A 134 -11.76 8.10 -14.10
CA ASP A 134 -10.57 7.32 -14.47
C ASP A 134 -10.82 5.83 -14.29
N LEU A 135 -11.43 5.44 -13.17
CA LEU A 135 -11.78 4.04 -12.98
C LEU A 135 -12.69 3.54 -14.09
N ARG A 136 -13.70 4.32 -14.47
CA ARG A 136 -14.57 3.92 -15.56
C ARG A 136 -13.79 3.78 -16.86
N THR A 137 -12.84 4.68 -17.11
CA THR A 137 -12.08 4.63 -18.35
C THR A 137 -11.24 3.35 -18.44
N ILE A 138 -10.60 2.95 -17.34
CA ILE A 138 -9.78 1.75 -17.39
C ILE A 138 -10.65 0.52 -17.59
N LEU A 139 -11.83 0.49 -16.95
CA LEU A 139 -12.75 -0.62 -17.17
C LEU A 139 -13.26 -0.65 -18.61
N LEU A 140 -13.62 0.52 -19.16
CA LEU A 140 -14.10 0.56 -20.54
C LEU A 140 -13.02 0.12 -21.52
N ASN A 141 -11.78 0.53 -21.30
CA ASN A 141 -10.70 0.17 -22.22
C ASN A 141 -10.39 -1.32 -22.19
N SER A 142 -10.75 -2.02 -21.11
CA SER A 142 -10.53 -3.46 -21.03
C SER A 142 -11.67 -4.27 -21.66
N LEU A 143 -12.77 -3.62 -22.00
CA LEU A 143 -13.88 -4.27 -22.68
C LEU A 143 -13.70 -4.15 -24.18
N GLN A 144 -14.33 -5.07 -24.91
CA GLN A 144 -14.37 -4.95 -26.36
C GLN A 144 -15.12 -3.68 -26.74
N ASN A 145 -14.85 -3.20 -27.95
CA ASN A 145 -15.54 -2.01 -28.43
C ASN A 145 -17.03 -2.29 -28.52
N ASP A 146 -17.83 -1.26 -28.21
CA ASP A 146 -19.29 -1.35 -28.26
C ASP A 146 -19.82 -2.48 -27.38
N THR A 147 -19.16 -2.74 -26.25
CA THR A 147 -19.78 -3.58 -25.23
C THR A 147 -20.86 -2.79 -24.49
N VAL A 148 -20.54 -1.56 -24.10
CA VAL A 148 -21.52 -0.69 -23.45
C VAL A 148 -22.34 0.00 -24.53
N ILE A 149 -23.65 -0.12 -24.44
CA ILE A 149 -24.57 0.65 -25.27
C ILE A 149 -25.03 1.84 -24.43
N TRP A 150 -24.67 3.04 -24.87
CA TRP A 150 -24.96 4.24 -24.12
C TRP A 150 -26.35 4.77 -24.45
N ASP A 151 -26.81 5.73 -23.64
CA ASP A 151 -28.12 6.34 -23.81
C ASP A 151 -29.23 5.29 -23.86
N ARG A 152 -29.13 4.31 -22.96
CA ARG A 152 -30.14 3.25 -22.84
C ARG A 152 -30.56 3.13 -21.38
N LYS A 153 -31.62 3.83 -21.03
CA LYS A 153 -32.21 3.74 -19.69
C LYS A 153 -33.24 2.63 -19.69
N LEU A 154 -32.94 1.53 -18.99
CA LEU A 154 -33.89 0.45 -18.87
C LEU A 154 -35.06 0.88 -18.00
N VAL A 155 -36.28 0.67 -18.49
CA VAL A 155 -37.47 1.09 -17.75
C VAL A 155 -38.35 -0.12 -17.46
N THR A 156 -38.32 -1.13 -18.33
CA THR A 156 -39.16 -2.30 -18.15
C THR A 156 -38.38 -3.57 -18.45
N LEU A 157 -38.67 -4.60 -17.67
CA LEU A 157 -38.01 -5.91 -17.79
C LEU A 157 -39.08 -6.96 -17.55
N GLU A 158 -39.42 -7.72 -18.59
CA GLU A 158 -40.42 -8.77 -18.46
C GLU A 158 -39.96 -10.03 -19.18
N PRO A 159 -40.37 -11.20 -18.71
CA PRO A 159 -39.99 -12.45 -19.38
C PRO A 159 -40.92 -12.78 -20.53
N ASP A 160 -40.35 -13.36 -21.58
CA ASP A 160 -41.10 -13.77 -22.77
C ASP A 160 -40.59 -15.16 -23.15
N LYS A 161 -41.25 -16.19 -22.62
CA LYS A 161 -40.85 -17.58 -22.83
C LYS A 161 -39.49 -17.83 -22.17
N GLU A 162 -38.43 -17.94 -22.96
CA GLU A 162 -37.09 -18.19 -22.43
C GLU A 162 -36.18 -16.96 -22.55
N LYS A 163 -36.72 -15.81 -22.92
CA LYS A 163 -35.95 -14.59 -23.10
C LYS A 163 -36.48 -13.48 -22.20
N TRP A 164 -35.56 -12.75 -21.58
CA TRP A 164 -35.92 -11.48 -20.96
C TRP A 164 -36.15 -10.44 -22.04
N ILE A 165 -37.21 -9.66 -21.89
CA ILE A 165 -37.49 -8.53 -22.78
C ILE A 165 -37.11 -7.25 -22.05
N LEU A 166 -36.17 -6.51 -22.62
CA LEU A 166 -35.71 -5.24 -22.06
C LEU A 166 -36.31 -4.12 -22.90
N THR A 167 -37.04 -3.21 -22.25
CA THR A 167 -37.61 -2.05 -22.89
C THR A 167 -36.99 -0.81 -22.29
N PHE A 168 -36.60 0.13 -23.14
CA PHE A 168 -35.82 1.29 -22.74
C PHE A 168 -36.61 2.57 -22.92
N GLU A 169 -36.13 3.63 -22.26
CA GLU A 169 -36.83 4.90 -22.25
C GLU A 169 -37.01 5.46 -23.66
N ASP A 170 -36.00 5.28 -24.52
CA ASP A 170 -36.10 5.70 -25.91
C ASP A 170 -37.04 4.81 -26.75
N LYS A 171 -37.74 3.88 -26.11
CA LYS A 171 -38.74 2.99 -26.70
C LYS A 171 -38.13 1.79 -27.42
N SER A 172 -36.80 1.68 -27.49
CA SER A 172 -36.20 0.50 -28.09
C SER A 172 -36.37 -0.71 -27.17
N SER A 173 -36.22 -1.90 -27.75
CA SER A 173 -36.38 -3.14 -27.02
C SER A 173 -35.25 -4.10 -27.38
N GLU A 174 -34.84 -4.91 -26.40
CA GLU A 174 -33.77 -5.88 -26.59
C GLU A 174 -34.13 -7.16 -25.85
N THR A 175 -33.33 -8.20 -26.08
CA THR A 175 -33.54 -9.51 -25.47
C THR A 175 -32.26 -9.97 -24.78
N ALA A 176 -32.42 -10.89 -23.84
CA ALA A 176 -31.28 -11.47 -23.14
C ALA A 176 -31.71 -12.79 -22.50
N ASP A 177 -30.73 -13.67 -22.28
CA ASP A 177 -30.97 -14.93 -21.59
C ASP A 177 -30.69 -14.84 -20.10
N LEU A 178 -29.71 -14.02 -19.71
CA LEU A 178 -29.42 -13.73 -18.31
C LEU A 178 -29.30 -12.23 -18.16
N VAL A 179 -29.99 -11.69 -17.14
CA VAL A 179 -29.92 -10.27 -16.82
C VAL A 179 -29.29 -10.12 -15.45
N ILE A 180 -28.27 -9.26 -15.37
CA ILE A 180 -27.62 -8.91 -14.12
C ILE A 180 -27.93 -7.45 -13.85
N ILE A 181 -28.64 -7.18 -12.76
CA ILE A 181 -29.02 -5.82 -12.41
C ILE A 181 -27.85 -5.16 -11.68
N ALA A 182 -27.30 -4.11 -12.27
CA ALA A 182 -26.17 -3.40 -11.68
C ALA A 182 -26.32 -1.89 -11.81
N ASN A 183 -27.56 -1.40 -11.76
CA ASN A 183 -27.85 0.00 -12.07
C ASN A 183 -28.09 0.84 -10.82
N GLY A 184 -27.48 0.48 -9.70
CA GLY A 184 -27.34 1.38 -8.56
C GLY A 184 -28.43 1.20 -7.52
N GLY A 185 -28.27 1.99 -6.44
CA GLY A 185 -29.09 1.83 -5.25
C GLY A 185 -30.54 2.21 -5.42
N MET A 186 -30.84 3.10 -6.37
CA MET A 186 -32.22 3.51 -6.63
C MET A 186 -32.85 2.72 -7.77
N SER A 187 -32.32 1.52 -8.07
CA SER A 187 -32.84 0.76 -9.20
C SER A 187 -34.33 0.49 -9.03
N LYS A 188 -35.06 0.61 -10.14
CA LYS A 188 -36.49 0.36 -10.18
C LYS A 188 -36.85 -0.96 -10.86
N VAL A 189 -35.86 -1.81 -11.13
CA VAL A 189 -36.09 -3.03 -11.91
C VAL A 189 -35.71 -4.26 -11.09
N ARG A 190 -35.91 -4.20 -9.77
CA ARG A 190 -35.52 -5.28 -8.88
C ARG A 190 -36.63 -6.29 -8.61
N LYS A 191 -37.87 -6.04 -9.06
CA LYS A 191 -39.01 -6.73 -8.47
C LYS A 191 -38.92 -8.24 -8.67
N PHE A 192 -38.45 -8.70 -9.83
CA PHE A 192 -38.36 -10.14 -10.05
C PHE A 192 -37.39 -10.81 -9.10
N VAL A 193 -36.52 -10.05 -8.45
CA VAL A 193 -35.59 -10.59 -7.46
C VAL A 193 -36.12 -10.41 -6.05
N THR A 194 -36.60 -9.22 -5.71
CA THR A 194 -37.07 -8.95 -4.36
C THR A 194 -38.00 -7.75 -4.39
N ASP A 195 -38.94 -7.74 -3.45
CA ASP A 195 -39.84 -6.61 -3.25
C ASP A 195 -39.35 -5.68 -2.16
N THR A 196 -38.16 -5.92 -1.62
CA THR A 196 -37.58 -5.03 -0.62
C THR A 196 -37.49 -3.61 -1.19
N GLU A 197 -37.77 -2.64 -0.34
CA GLU A 197 -37.71 -1.24 -0.71
C GLU A 197 -36.51 -0.56 -0.06
N VAL A 198 -35.98 0.45 -0.75
CA VAL A 198 -34.94 1.27 -0.16
C VAL A 198 -35.52 2.01 1.03
N GLU A 199 -34.72 2.13 2.09
CA GLU A 199 -35.15 2.79 3.31
C GLU A 199 -34.11 3.81 3.73
N GLU A 200 -34.55 4.77 4.54
CA GLU A 200 -33.70 5.85 5.00
C GLU A 200 -33.20 5.60 6.41
N THR A 201 -31.95 6.00 6.64
CA THR A 201 -31.27 5.72 7.89
C THR A 201 -31.31 6.88 8.87
N GLY A 202 -31.64 8.08 8.43
CA GLY A 202 -31.74 9.24 9.30
C GLY A 202 -30.61 10.24 9.20
N THR A 203 -29.69 10.10 8.24
CA THR A 203 -28.65 11.08 8.01
C THR A 203 -28.79 11.65 6.61
N PHE A 204 -28.15 12.79 6.39
CA PHE A 204 -28.25 13.54 5.15
C PHE A 204 -26.85 13.93 4.70
N ASN A 205 -26.60 13.89 3.40
CA ASN A 205 -25.29 14.20 2.85
C ASN A 205 -25.42 15.31 1.80
N ILE A 206 -24.54 16.29 1.89
CA ILE A 206 -24.43 17.35 0.88
C ILE A 206 -23.02 17.27 0.30
N GLN A 207 -22.93 16.98 -0.99
CA GLN A 207 -21.66 16.82 -1.69
C GLN A 207 -21.47 17.97 -2.68
N ALA A 208 -20.21 18.33 -2.91
CA ALA A 208 -19.93 19.41 -3.85
C ALA A 208 -18.48 19.32 -4.31
N ASP A 209 -18.21 20.01 -5.41
CA ASP A 209 -16.89 20.08 -6.01
C ASP A 209 -16.50 21.55 -6.16
N ILE A 210 -15.23 21.85 -5.92
CA ILE A 210 -14.66 23.15 -6.23
C ILE A 210 -13.52 22.87 -7.20
N HIS A 211 -13.74 23.17 -8.48
CA HIS A 211 -12.73 22.92 -9.49
C HIS A 211 -11.58 23.92 -9.36
N GLN A 212 -10.37 23.43 -9.62
CA GLN A 212 -9.16 24.23 -9.48
C GLN A 212 -9.09 24.90 -8.10
N PRO A 213 -9.11 24.11 -7.03
CA PRO A 213 -9.17 24.71 -5.68
C PRO A 213 -7.99 25.59 -5.33
N GLU A 214 -6.81 25.36 -5.92
CA GLU A 214 -5.67 26.21 -5.61
C GLU A 214 -5.97 27.66 -5.98
N VAL A 215 -6.82 27.88 -6.98
CA VAL A 215 -7.18 29.21 -7.43
C VAL A 215 -8.50 29.67 -6.81
N ASN A 216 -9.46 28.76 -6.60
CA ASN A 216 -10.82 29.16 -6.31
C ASN A 216 -11.23 29.00 -4.85
N CYS A 217 -10.53 28.17 -4.07
CA CYS A 217 -10.71 28.14 -2.61
C CYS A 217 -9.35 28.00 -1.96
N PRO A 218 -8.45 28.97 -2.19
CA PRO A 218 -7.07 28.81 -1.72
C PRO A 218 -6.96 28.68 -0.20
N GLY A 219 -7.84 29.34 0.56
CA GLY A 219 -7.76 29.22 2.00
C GLY A 219 -7.97 27.80 2.48
N PHE A 220 -9.04 27.14 2.00
CA PHE A 220 -9.32 25.79 2.45
C PHE A 220 -8.37 24.78 1.82
N PHE A 221 -7.96 25.02 0.57
CA PHE A 221 -6.97 24.15 -0.07
C PHE A 221 -5.67 24.12 0.72
N GLN A 222 -5.23 25.28 1.23
CA GLN A 222 -4.03 25.34 2.05
C GLN A 222 -4.21 24.57 3.35
N LEU A 223 -5.40 24.67 3.95
CA LEU A 223 -5.67 23.97 5.20
C LEU A 223 -5.55 22.46 5.03
N CYS A 224 -6.09 21.92 3.93
CA CYS A 224 -5.99 20.48 3.69
C CYS A 224 -4.53 20.05 3.61
N ASN A 225 -3.67 20.90 3.05
CA ASN A 225 -2.22 20.68 3.02
C ASN A 225 -1.88 19.34 2.35
N GLY A 226 -2.54 19.07 1.22
CA GLY A 226 -2.24 17.88 0.44
C GLY A 226 -2.84 16.60 0.96
N ASN A 227 -3.55 16.65 2.08
CA ASN A 227 -4.19 15.48 2.66
C ASN A 227 -5.71 15.63 2.60
N ARG A 228 -6.39 14.49 2.62
CA ARG A 228 -7.82 14.50 2.91
C ARG A 228 -8.04 15.10 4.29
N LEU A 229 -9.21 15.70 4.48
CA LEU A 229 -9.55 16.35 5.74
C LEU A 229 -10.85 15.78 6.27
N MET A 230 -10.90 15.62 7.59
CA MET A 230 -12.11 15.16 8.27
C MET A 230 -12.29 15.98 9.53
N ALA A 231 -13.52 16.45 9.76
CA ALA A 231 -13.81 17.28 10.92
C ALA A 231 -15.22 17.00 11.40
N ALA A 232 -15.39 16.97 12.72
CA ALA A 232 -16.69 16.75 13.35
C ALA A 232 -16.91 17.83 14.40
N HIS A 233 -18.11 18.42 14.39
CA HIS A 233 -18.48 19.42 15.39
C HIS A 233 -19.99 19.59 15.38
N GLN A 234 -20.60 19.50 16.57
CA GLN A 234 -22.01 19.80 16.75
C GLN A 234 -22.92 18.85 15.96
N GLY A 235 -22.45 17.63 15.73
CA GLY A 235 -23.22 16.67 14.95
C GLY A 235 -23.01 16.78 13.46
N ASN A 236 -22.21 17.74 13.01
CA ASN A 236 -21.96 17.95 11.59
C ASN A 236 -20.57 17.45 11.25
N LEU A 237 -20.48 16.58 10.25
CA LEU A 237 -19.22 16.05 9.77
C LEU A 237 -18.87 16.68 8.43
N LEU A 238 -17.59 16.99 8.25
CA LEU A 238 -17.07 17.51 7.00
C LEU A 238 -15.95 16.61 6.52
N PHE A 239 -16.01 16.23 5.25
CA PHE A 239 -14.99 15.43 4.60
C PHE A 239 -14.52 16.18 3.36
N ALA A 240 -13.22 16.13 3.08
CA ALA A 240 -12.71 16.81 1.90
C ALA A 240 -11.52 16.06 1.32
N ASN A 241 -11.50 15.97 -0.01
CA ASN A 241 -10.33 15.49 -0.76
C ASN A 241 -9.86 16.63 -1.64
N PRO A 242 -8.72 17.26 -1.35
CA PRO A 242 -8.31 18.43 -2.15
C PRO A 242 -7.82 18.09 -3.55
N ASN A 243 -7.66 16.82 -3.90
CA ASN A 243 -6.95 16.42 -5.12
C ASN A 243 -7.73 15.34 -5.86
N ASN A 244 -9.00 15.60 -6.16
CA ASN A 244 -9.80 14.69 -6.97
C ASN A 244 -9.73 15.09 -8.45
N ASN A 245 -8.58 14.78 -9.06
CA ASN A 245 -8.32 15.11 -10.46
C ASN A 245 -8.44 16.62 -10.69
N GLY A 246 -7.70 17.39 -9.89
CA GLY A 246 -7.68 18.83 -10.03
C GLY A 246 -8.89 19.54 -9.48
N ALA A 247 -9.80 18.82 -8.85
CA ALA A 247 -10.92 19.41 -8.13
C ALA A 247 -10.86 19.01 -6.67
N LEU A 248 -11.30 19.91 -5.81
CA LEU A 248 -11.56 19.60 -4.42
C LEU A 248 -12.98 19.08 -4.31
N HIS A 249 -13.15 17.88 -3.78
CA HIS A 249 -14.45 17.32 -3.49
C HIS A 249 -14.63 17.31 -1.99
N PHE A 250 -15.80 17.76 -1.52
CA PHE A 250 -16.06 17.75 -0.10
C PHE A 250 -17.51 17.37 0.14
N GLY A 251 -17.76 16.84 1.33
CA GLY A 251 -19.08 16.41 1.73
C GLY A 251 -19.38 16.81 3.15
N ILE A 252 -20.61 17.24 3.39
CA ILE A 252 -21.08 17.63 4.72
C ILE A 252 -22.24 16.72 5.07
N SER A 253 -22.15 16.08 6.24
CA SER A 253 -23.15 15.11 6.66
C SER A 253 -23.61 15.45 8.07
N PHE A 254 -24.87 15.13 8.34
CA PHE A 254 -25.48 15.37 9.63
C PHE A 254 -26.74 14.52 9.74
N LYS A 255 -27.21 14.36 10.97
CA LYS A 255 -28.54 13.81 11.16
C LYS A 255 -29.55 14.70 10.43
N THR A 256 -30.47 14.07 9.72
CA THR A 256 -31.50 14.84 9.05
C THR A 256 -32.29 15.61 10.09
N PRO A 257 -32.42 16.94 9.97
CA PRO A 257 -33.18 17.70 10.97
C PRO A 257 -34.61 17.17 11.07
N ASP A 258 -35.12 17.09 12.29
CA ASP A 258 -36.48 16.61 12.49
C ASP A 258 -37.50 17.50 11.78
N GLU A 259 -37.18 18.78 11.60
CA GLU A 259 -38.10 19.67 10.91
C GLU A 259 -38.31 19.23 9.46
N TRP A 260 -37.25 18.76 8.81
CA TRP A 260 -37.36 18.38 7.40
C TRP A 260 -38.39 17.27 7.20
N LYS A 261 -38.71 16.53 8.26
CA LYS A 261 -39.75 15.51 8.18
C LYS A 261 -41.14 16.12 8.17
N SER A 262 -41.32 17.27 8.83
CA SER A 262 -42.60 17.98 8.84
C SER A 262 -42.58 19.19 7.91
N LYS A 263 -41.69 20.15 8.16
CA LYS A 263 -41.56 21.37 7.36
C LYS A 263 -40.09 21.63 7.09
N THR A 264 -39.67 21.48 5.83
CA THR A 264 -38.31 21.78 5.42
C THR A 264 -38.27 23.13 4.71
N ARG A 265 -37.18 23.88 4.91
CA ARG A 265 -37.03 25.21 4.35
C ARG A 265 -35.80 25.33 3.44
N VAL A 266 -35.08 24.24 3.19
CA VAL A 266 -33.95 24.25 2.28
C VAL A 266 -34.38 23.64 0.96
N ASP A 267 -34.20 24.38 -0.12
CA ASP A 267 -34.50 23.93 -1.48
C ASP A 267 -33.18 23.68 -2.19
N PHE A 268 -32.91 22.42 -2.54
CA PHE A 268 -31.60 22.09 -3.08
C PHE A 268 -31.44 22.45 -4.55
N GLN A 269 -32.52 22.85 -5.23
CA GLN A 269 -32.38 23.45 -6.55
C GLN A 269 -31.94 24.90 -6.48
N ASP A 270 -32.03 25.53 -5.30
CA ASP A 270 -31.62 26.92 -5.10
C ASP A 270 -30.31 26.92 -4.31
N ARG A 271 -29.20 27.18 -5.00
CA ARG A 271 -27.90 27.25 -4.33
C ARG A 271 -27.96 28.19 -3.13
N ASN A 272 -28.63 29.33 -3.28
CA ASN A 272 -28.63 30.33 -2.23
C ASN A 272 -29.26 29.82 -0.94
N SER A 273 -30.30 28.99 -1.05
CA SER A 273 -30.92 28.46 0.16
C SER A 273 -30.04 27.41 0.82
N VAL A 274 -29.35 26.60 0.01
CA VAL A 274 -28.42 25.61 0.57
C VAL A 274 -27.27 26.32 1.27
N VAL A 275 -26.72 27.37 0.64
CA VAL A 275 -25.61 28.09 1.23
C VAL A 275 -26.03 28.74 2.55
N ASP A 276 -27.23 29.34 2.57
CA ASP A 276 -27.72 29.98 3.79
C ASP A 276 -27.84 28.98 4.93
N PHE A 277 -28.42 27.81 4.64
CA PHE A 277 -28.58 26.77 5.67
C PHE A 277 -27.23 26.32 6.20
N LEU A 278 -26.28 26.04 5.30
CA LEU A 278 -24.97 25.56 5.74
C LEU A 278 -24.22 26.61 6.55
N LEU A 279 -24.32 27.88 6.17
CA LEU A 279 -23.62 28.90 6.94
C LEU A 279 -24.18 29.01 8.35
N LYS A 280 -25.48 28.75 8.52
CA LYS A 280 -26.05 28.66 9.86
C LYS A 280 -25.45 27.48 10.62
N LYS A 281 -25.44 26.30 9.99
CA LYS A 281 -24.87 25.12 10.63
C LYS A 281 -23.41 25.36 11.01
N PHE A 282 -22.67 26.05 10.16
CA PHE A 282 -21.23 26.23 10.33
C PHE A 282 -20.87 27.57 10.95
N SER A 283 -21.79 28.15 11.74
CA SER A 283 -21.54 29.44 12.37
C SER A 283 -20.23 29.45 13.16
N ASP A 284 -20.00 28.40 13.95
CA ASP A 284 -18.88 28.36 14.88
C ASP A 284 -17.57 27.92 14.23
N TRP A 285 -17.59 27.55 12.96
CA TRP A 285 -16.39 27.05 12.32
C TRP A 285 -15.52 28.21 11.82
N ASP A 286 -14.24 27.90 11.60
CA ASP A 286 -13.30 28.89 11.09
C ASP A 286 -13.75 29.42 9.73
N GLU A 287 -13.42 30.70 9.49
CA GLU A 287 -13.87 31.35 8.27
C GLU A 287 -13.46 30.59 7.01
N ARG A 288 -12.35 29.86 7.06
CA ARG A 288 -11.93 29.09 5.90
C ARG A 288 -12.97 28.04 5.51
N TYR A 289 -13.69 27.49 6.49
CA TYR A 289 -14.76 26.55 6.16
C TYR A 289 -15.96 27.28 5.56
N LYS A 290 -16.30 28.45 6.10
CA LYS A 290 -17.41 29.20 5.57
C LYS A 290 -17.12 29.72 4.16
N GLU A 291 -15.86 30.08 3.89
CA GLU A 291 -15.48 30.44 2.53
C GLU A 291 -15.71 29.27 1.59
N LEU A 292 -15.34 28.06 2.01
CA LEU A 292 -15.57 26.88 1.21
C LEU A 292 -17.05 26.76 0.83
N ILE A 293 -17.94 26.97 1.80
CA ILE A 293 -19.38 26.89 1.52
C ILE A 293 -19.78 27.98 0.54
N ARG A 294 -19.34 29.22 0.78
CA ARG A 294 -19.76 30.33 -0.07
C ARG A 294 -19.23 30.22 -1.49
N LEU A 295 -18.14 29.47 -1.69
CA LEU A 295 -17.50 29.35 -2.98
C LEU A 295 -18.04 28.21 -3.83
N THR A 296 -19.01 27.47 -3.34
CA THR A 296 -19.55 26.31 -4.05
C THR A 296 -20.65 26.74 -4.99
N SER A 297 -20.58 26.29 -6.24
CA SER A 297 -21.56 26.68 -7.26
C SER A 297 -22.78 25.78 -7.25
N SER A 298 -22.63 24.51 -6.90
CA SER A 298 -23.71 23.54 -6.93
C SER A 298 -23.55 22.56 -5.79
N PHE A 299 -24.66 22.22 -5.15
CA PHE A 299 -24.69 21.20 -4.11
C PHE A 299 -25.57 20.06 -4.55
N VAL A 300 -25.18 18.84 -4.21
CA VAL A 300 -26.03 17.67 -4.31
C VAL A 300 -26.36 17.22 -2.90
N GLY A 301 -27.65 17.25 -2.56
CA GLY A 301 -28.12 16.78 -1.27
C GLY A 301 -28.94 15.51 -1.45
N LEU A 302 -28.63 14.50 -0.64
CA LEU A 302 -29.40 13.26 -0.66
C LEU A 302 -29.40 12.62 0.71
N ALA A 303 -30.58 12.16 1.12
CA ALA A 303 -30.70 11.40 2.35
C ALA A 303 -29.95 10.08 2.24
N THR A 304 -29.24 9.72 3.30
CA THR A 304 -28.57 8.43 3.33
C THR A 304 -29.61 7.32 3.29
N ARG A 305 -29.32 6.29 2.50
CA ARG A 305 -30.26 5.20 2.30
C ARG A 305 -29.56 3.86 2.43
N ILE A 306 -30.39 2.84 2.65
CA ILE A 306 -29.94 1.46 2.69
C ILE A 306 -30.96 0.59 1.97
N PHE A 307 -30.45 -0.37 1.20
CA PHE A 307 -31.28 -1.43 0.65
C PHE A 307 -31.04 -2.64 1.53
N PRO A 308 -31.88 -2.86 2.57
CA PRO A 308 -31.51 -3.83 3.60
C PRO A 308 -31.55 -5.27 3.10
N LEU A 309 -30.61 -6.06 3.64
CA LEU A 309 -30.54 -7.50 3.38
C LEU A 309 -31.22 -8.31 4.49
N ASP A 310 -32.30 -7.77 5.07
CA ASP A 310 -32.99 -8.46 6.15
C ASP A 310 -33.90 -9.58 5.63
N LYS A 311 -34.48 -9.40 4.46
CA LYS A 311 -35.42 -10.35 3.88
C LYS A 311 -34.74 -11.10 2.74
N SER A 312 -34.93 -12.42 2.71
CA SER A 312 -34.39 -13.24 1.65
C SER A 312 -35.04 -12.86 0.32
N TRP A 313 -34.30 -13.05 -0.76
CA TRP A 313 -34.81 -12.77 -2.09
C TRP A 313 -35.71 -13.91 -2.58
N LYS A 314 -36.41 -13.66 -3.67
CA LYS A 314 -37.41 -14.61 -4.17
C LYS A 314 -36.74 -15.87 -4.69
N SER A 315 -37.26 -17.03 -4.25
CA SER A 315 -36.73 -18.31 -4.69
C SER A 315 -37.33 -18.78 -6.00
N LYS A 316 -38.41 -18.16 -6.47
CA LYS A 316 -39.04 -18.52 -7.73
C LYS A 316 -38.95 -17.33 -8.67
N ARG A 317 -38.18 -17.49 -9.74
CA ARG A 317 -37.96 -16.43 -10.72
C ARG A 317 -38.16 -16.98 -12.12
N PRO A 318 -38.86 -16.24 -13.01
CA PRO A 318 -39.21 -16.82 -14.31
C PRO A 318 -38.01 -17.19 -15.17
N LEU A 319 -36.90 -16.47 -15.04
CA LEU A 319 -35.71 -16.69 -15.85
C LEU A 319 -34.51 -16.22 -15.06
N PRO A 320 -33.30 -16.68 -15.41
CA PRO A 320 -32.12 -16.31 -14.61
C PRO A 320 -31.92 -14.81 -14.52
N ILE A 321 -31.86 -14.31 -13.29
CA ILE A 321 -31.63 -12.90 -13.04
C ILE A 321 -31.09 -12.76 -11.63
N THR A 322 -30.21 -11.80 -11.42
CA THR A 322 -29.68 -11.48 -10.11
C THR A 322 -29.25 -10.02 -10.09
N MET A 323 -28.78 -9.57 -8.92
CA MET A 323 -28.40 -8.18 -8.71
C MET A 323 -27.05 -8.12 -8.03
N ILE A 324 -26.25 -7.13 -8.41
CA ILE A 324 -24.93 -6.91 -7.85
C ILE A 324 -24.77 -5.43 -7.52
N GLY A 325 -23.85 -5.15 -6.61
CA GLY A 325 -23.51 -3.77 -6.31
C GLY A 325 -24.54 -3.10 -5.42
N ASP A 326 -24.62 -1.77 -5.56
CA ASP A 326 -25.60 -0.99 -4.79
C ASP A 326 -27.02 -1.45 -5.05
N ALA A 327 -27.29 -1.95 -6.26
CA ALA A 327 -28.62 -2.49 -6.54
C ALA A 327 -28.94 -3.63 -5.58
N ALA A 328 -27.92 -4.31 -5.08
CA ALA A 328 -28.10 -5.45 -4.18
C ALA A 328 -28.09 -5.04 -2.71
N HIS A 329 -27.16 -4.17 -2.30
CA HIS A 329 -26.97 -3.91 -0.87
C HIS A 329 -26.58 -2.46 -0.59
N LEU A 330 -27.21 -1.51 -1.28
CA LEU A 330 -26.96 -0.10 -0.98
C LEU A 330 -26.87 0.11 0.53
N MET A 331 -25.79 0.73 0.98
CA MET A 331 -25.57 0.94 2.39
C MET A 331 -24.99 2.33 2.63
N PRO A 332 -25.12 2.85 3.86
CA PRO A 332 -24.56 4.17 4.18
C PRO A 332 -23.06 4.20 3.91
N PRO A 333 -22.56 5.29 3.31
CA PRO A 333 -21.13 5.38 2.95
C PRO A 333 -20.28 5.95 4.08
N PHE A 334 -20.28 5.27 5.23
CA PHE A 334 -19.51 5.72 6.39
C PHE A 334 -18.53 4.66 6.88
N ALA A 335 -18.39 3.53 6.19
CA ALA A 335 -17.40 2.52 6.51
C ALA A 335 -16.55 2.15 5.31
N GLY A 336 -16.64 2.89 4.20
CA GLY A 336 -15.83 2.60 3.03
C GLY A 336 -16.05 1.22 2.45
N GLN A 337 -17.27 0.69 2.55
CA GLN A 337 -17.56 -0.66 2.11
C GLN A 337 -18.31 -0.71 0.77
N GLY A 338 -18.84 0.41 0.31
CA GLY A 338 -19.70 0.44 -0.86
C GLY A 338 -19.19 -0.26 -2.11
N VAL A 339 -18.17 0.31 -2.77
CA VAL A 339 -17.72 -0.24 -4.05
C VAL A 339 -17.04 -1.58 -3.84
N ASN A 340 -16.35 -1.76 -2.72
CA ASN A 340 -15.59 -3.00 -2.52
C ASN A 340 -16.52 -4.18 -2.33
N SER A 341 -17.65 -3.98 -1.66
CA SER A 341 -18.67 -5.03 -1.57
C SER A 341 -19.22 -5.37 -2.95
N GLY A 342 -19.46 -4.35 -3.77
CA GLY A 342 -19.98 -4.60 -5.11
C GLY A 342 -18.98 -5.33 -6.00
N LEU A 343 -17.71 -4.94 -5.92
CA LEU A 343 -16.70 -5.63 -6.73
C LEU A 343 -16.54 -7.08 -6.29
N MET A 344 -16.72 -7.35 -5.00
CA MET A 344 -16.78 -8.74 -4.56
C MET A 344 -17.95 -9.48 -5.19
N ASP A 345 -19.12 -8.84 -5.28
CA ASP A 345 -20.25 -9.46 -5.96
C ASP A 345 -19.84 -9.90 -7.36
N ALA A 346 -19.23 -8.99 -8.11
CA ALA A 346 -18.86 -9.29 -9.49
C ALA A 346 -17.83 -10.41 -9.54
N LEU A 347 -16.91 -10.44 -8.58
CA LEU A 347 -15.90 -11.48 -8.56
C LEU A 347 -16.50 -12.85 -8.26
N ILE A 348 -17.35 -12.93 -7.24
CA ILE A 348 -17.94 -14.22 -6.87
C ILE A 348 -18.90 -14.70 -7.95
N LEU A 349 -19.78 -13.81 -8.41
CA LEU A 349 -20.78 -14.21 -9.39
C LEU A 349 -20.13 -14.63 -10.71
N SER A 350 -19.15 -13.86 -11.17
CA SER A 350 -18.50 -14.21 -12.43
C SER A 350 -17.77 -15.55 -12.31
N ASP A 351 -17.11 -15.79 -11.17
CA ASP A 351 -16.44 -17.07 -10.97
C ASP A 351 -17.44 -18.21 -10.96
N ASN A 352 -18.55 -18.05 -10.25
CA ASN A 352 -19.55 -19.11 -10.19
C ASN A 352 -20.09 -19.47 -11.57
N LEU A 353 -20.22 -18.47 -12.46
CA LEU A 353 -20.78 -18.73 -13.78
C LEU A 353 -19.78 -19.35 -14.73
N THR A 354 -18.49 -19.36 -14.39
CA THR A 354 -17.46 -19.82 -15.31
C THR A 354 -16.51 -20.86 -14.73
N ASN A 355 -16.57 -21.15 -13.42
CA ASN A 355 -15.54 -21.96 -12.80
C ASN A 355 -15.81 -23.45 -12.86
N GLY A 356 -16.93 -23.87 -13.44
CA GLY A 356 -17.22 -25.28 -13.62
C GLY A 356 -17.76 -25.98 -12.40
N LYS A 357 -17.94 -25.27 -11.29
CA LYS A 357 -18.38 -25.91 -10.06
C LYS A 357 -19.87 -26.20 -10.05
N PHE A 358 -20.66 -25.44 -10.79
CA PHE A 358 -22.12 -25.56 -10.76
C PHE A 358 -22.64 -26.09 -12.10
N ASN A 359 -23.79 -26.76 -12.02
CA ASN A 359 -24.37 -27.45 -13.17
C ASN A 359 -25.61 -26.74 -13.71
N SER A 360 -25.95 -25.56 -13.17
CA SER A 360 -27.00 -24.73 -13.74
C SER A 360 -26.69 -23.28 -13.39
N ILE A 361 -27.17 -22.37 -14.25
CA ILE A 361 -27.01 -20.96 -13.95
C ILE A 361 -27.69 -20.62 -12.63
N GLU A 362 -28.88 -21.19 -12.41
CA GLU A 362 -29.64 -20.89 -11.21
C GLU A 362 -28.89 -21.31 -9.95
N GLU A 363 -28.27 -22.50 -9.97
CA GLU A 363 -27.47 -22.92 -8.84
C GLU A 363 -26.30 -21.96 -8.61
N ALA A 364 -25.66 -21.52 -9.70
CA ALA A 364 -24.55 -20.59 -9.57
C ALA A 364 -25.00 -19.25 -8.99
N ILE A 365 -26.17 -18.77 -9.43
CA ILE A 365 -26.72 -17.53 -8.87
C ILE A 365 -27.06 -17.71 -7.41
N GLU A 366 -27.68 -18.83 -7.06
CA GLU A 366 -28.12 -19.05 -5.68
C GLU A 366 -26.93 -19.05 -4.73
N ASN A 367 -25.84 -19.70 -5.12
CA ASN A 367 -24.64 -19.69 -4.29
C ASN A 367 -24.06 -18.28 -4.18
N TYR A 368 -24.05 -17.54 -5.28
CA TYR A 368 -23.61 -16.15 -5.22
C TYR A 368 -24.39 -15.39 -4.15
N GLU A 369 -25.72 -15.46 -4.20
CA GLU A 369 -26.54 -14.69 -3.27
C GLU A 369 -26.34 -15.16 -1.83
N GLN A 370 -26.19 -16.46 -1.62
CA GLN A 370 -25.86 -16.95 -0.28
C GLN A 370 -24.59 -16.27 0.23
N GLN A 371 -23.52 -16.29 -0.57
CA GLN A 371 -22.28 -15.67 -0.14
C GLN A 371 -22.44 -14.17 0.06
N MET A 372 -23.20 -13.51 -0.82
CA MET A 372 -23.29 -12.06 -0.78
C MET A 372 -24.12 -11.60 0.40
N PHE A 373 -25.17 -12.34 0.76
CA PHE A 373 -25.92 -12.00 1.96
C PHE A 373 -25.03 -12.01 3.19
N ALA A 374 -23.99 -12.86 3.19
CA ALA A 374 -23.15 -13.01 4.38
C ALA A 374 -22.19 -11.83 4.53
N TYR A 375 -21.37 -11.56 3.51
CA TYR A 375 -20.49 -10.40 3.61
C TYR A 375 -21.25 -9.10 3.40
N GLY A 376 -22.37 -9.15 2.67
CA GLY A 376 -23.22 -7.97 2.57
C GLY A 376 -23.84 -7.57 3.89
N ARG A 377 -24.40 -8.55 4.62
CA ARG A 377 -25.03 -8.23 5.91
C ARG A 377 -24.02 -7.65 6.88
N GLU A 378 -22.81 -8.21 6.92
CA GLU A 378 -21.78 -7.70 7.82
C GLU A 378 -21.39 -6.28 7.47
N ALA A 379 -21.19 -6.00 6.18
CA ALA A 379 -20.82 -4.65 5.76
C ALA A 379 -21.92 -3.65 6.09
N GLN A 380 -23.18 -4.02 5.88
CA GLN A 380 -24.28 -3.12 6.22
C GLN A 380 -24.35 -2.87 7.72
N ALA A 381 -24.15 -3.93 8.52
CA ALA A 381 -24.18 -3.75 9.97
C ALA A 381 -23.04 -2.83 10.43
N GLU A 382 -21.85 -3.01 9.86
CA GLU A 382 -20.74 -2.12 10.19
C GLU A 382 -21.08 -0.68 9.81
N SER A 383 -21.53 -0.47 8.57
CA SER A 383 -21.81 0.88 8.11
C SER A 383 -22.88 1.56 8.96
N ILE A 384 -23.87 0.80 9.45
CA ILE A 384 -24.87 1.38 10.33
C ILE A 384 -24.28 1.69 11.69
N ILE A 385 -23.40 0.82 12.19
CA ILE A 385 -22.73 1.10 13.47
C ILE A 385 -21.95 2.40 13.37
N ASN A 386 -21.13 2.54 12.31
CA ASN A 386 -20.35 3.75 12.13
C ASN A 386 -21.24 4.98 12.04
N GLU A 387 -22.34 4.88 11.28
CA GLU A 387 -23.25 6.01 11.13
C GLU A 387 -23.81 6.45 12.47
N THR A 388 -24.30 5.50 13.26
CA THR A 388 -24.87 5.84 14.56
C THR A 388 -23.84 6.51 15.46
N GLU A 389 -22.62 5.96 15.50
CA GLU A 389 -21.59 6.53 16.35
C GLU A 389 -21.13 7.89 15.84
N MET A 390 -20.93 8.04 14.53
CA MET A 390 -20.31 9.25 14.01
C MET A 390 -21.20 10.48 14.16
N PHE A 391 -22.51 10.29 14.18
CA PHE A 391 -23.45 11.40 14.25
C PHE A 391 -24.04 11.58 15.64
N SER A 392 -23.53 10.86 16.62
CA SER A 392 -23.77 11.22 18.01
C SER A 392 -22.96 12.47 18.37
N LEU A 393 -23.52 13.28 19.25
CA LEU A 393 -22.86 14.53 19.62
C LEU A 393 -21.57 14.32 20.39
N ASP A 394 -21.30 13.09 20.86
CA ASP A 394 -20.08 12.78 21.59
C ASP A 394 -18.95 12.30 20.68
N PHE A 395 -19.16 12.24 19.36
CA PHE A 395 -18.15 11.71 18.47
C PHE A 395 -16.93 12.63 18.39
N SER A 396 -15.75 12.02 18.28
CA SER A 396 -14.50 12.78 18.28
C SER A 396 -13.45 12.28 17.30
N PHE A 397 -13.77 11.30 16.45
CA PHE A 397 -12.77 10.68 15.59
C PHE A 397 -11.69 10.01 16.43
N THR B 27 22.07 -31.38 -9.57
CA THR B 27 20.97 -32.22 -10.05
C THR B 27 19.63 -31.65 -9.61
N LEU B 28 19.61 -31.04 -8.42
CA LEU B 28 18.37 -30.45 -7.91
C LEU B 28 17.87 -29.32 -8.80
N LEU B 29 18.80 -28.52 -9.33
CA LEU B 29 18.46 -27.34 -10.10
C LEU B 29 18.55 -27.56 -11.61
N LYS B 30 18.54 -28.82 -12.04
CA LYS B 30 18.56 -29.14 -13.46
C LYS B 30 17.34 -28.57 -14.17
N HIS B 31 17.58 -27.76 -15.20
CA HIS B 31 16.49 -27.21 -16.01
C HIS B 31 15.55 -26.35 -15.17
N LYS B 32 16.07 -25.80 -14.09
CA LYS B 32 15.30 -24.94 -13.19
C LYS B 32 15.72 -23.50 -13.41
N LYS B 33 14.74 -22.62 -13.61
CA LYS B 33 14.98 -21.19 -13.70
C LYS B 33 14.72 -20.60 -12.32
N ILE B 34 15.79 -20.09 -11.70
CA ILE B 34 15.73 -19.47 -10.38
C ILE B 34 15.68 -17.97 -10.57
N THR B 35 14.67 -17.32 -9.98
CA THR B 35 14.57 -15.88 -9.98
C THR B 35 14.74 -15.36 -8.56
N ILE B 36 15.59 -14.35 -8.40
CA ILE B 36 15.80 -13.67 -7.14
C ILE B 36 15.17 -12.29 -7.25
N ILE B 37 14.38 -11.92 -6.25
CA ILE B 37 13.72 -10.63 -6.21
C ILE B 37 14.58 -9.71 -5.34
N GLY B 38 15.19 -8.71 -5.96
CA GLY B 38 15.98 -7.75 -5.22
C GLY B 38 17.46 -7.93 -5.41
N ALA B 39 18.12 -6.86 -5.89
CA ALA B 39 19.57 -6.82 -6.09
C ALA B 39 20.27 -6.06 -4.99
N GLY B 40 19.85 -6.25 -3.74
CA GLY B 40 20.62 -5.78 -2.63
C GLY B 40 21.85 -6.63 -2.39
N PRO B 41 22.58 -6.33 -1.33
CA PRO B 41 23.76 -7.16 -1.02
C PRO B 41 23.43 -8.64 -0.87
N VAL B 42 22.31 -8.96 -0.23
CA VAL B 42 21.96 -10.36 0.00
C VAL B 42 21.54 -11.03 -1.30
N GLY B 43 20.68 -10.37 -2.08
CA GLY B 43 20.21 -10.96 -3.31
C GLY B 43 21.33 -11.18 -4.32
N LEU B 44 22.22 -10.20 -4.45
CA LEU B 44 23.32 -10.33 -5.40
C LEU B 44 24.30 -11.41 -4.98
N THR B 45 24.58 -11.52 -3.67
CA THR B 45 25.44 -12.60 -3.20
C THR B 45 24.82 -13.95 -3.50
N MET B 46 23.51 -14.09 -3.28
CA MET B 46 22.82 -15.32 -3.62
C MET B 46 22.93 -15.62 -5.11
N ALA B 47 22.77 -14.59 -5.94
CA ALA B 47 22.88 -14.79 -7.38
C ALA B 47 24.28 -15.29 -7.76
N ARG B 48 25.30 -14.67 -7.17
CA ARG B 48 26.68 -15.08 -7.47
C ARG B 48 26.93 -16.52 -7.02
N LEU B 49 26.48 -16.86 -5.81
CA LEU B 49 26.77 -18.19 -5.28
C LEU B 49 26.10 -19.29 -6.10
N LEU B 50 24.87 -19.04 -6.56
CA LEU B 50 24.21 -20.02 -7.42
C LEU B 50 24.83 -20.02 -8.82
N GLN B 51 25.08 -18.83 -9.38
CA GLN B 51 25.48 -18.74 -10.78
C GLN B 51 26.87 -19.34 -11.01
N GLN B 52 27.77 -19.22 -10.03
CA GLN B 52 29.11 -19.79 -10.23
C GLN B 52 29.08 -21.31 -10.27
N ASN B 53 27.99 -21.95 -9.82
CA ASN B 53 27.82 -23.38 -9.93
C ASN B 53 27.10 -23.79 -11.21
N GLY B 54 26.93 -22.87 -12.17
CA GLY B 54 26.30 -23.18 -13.44
C GLY B 54 24.79 -23.01 -13.49
N VAL B 55 24.18 -22.50 -12.42
CA VAL B 55 22.72 -22.36 -12.38
C VAL B 55 22.28 -21.20 -13.28
N ASP B 56 21.03 -21.27 -13.73
CA ASP B 56 20.42 -20.19 -14.51
C ASP B 56 19.72 -19.23 -13.55
N ILE B 57 20.31 -18.05 -13.34
CA ILE B 57 19.82 -17.07 -12.38
C ILE B 57 19.36 -15.83 -13.12
N THR B 58 18.26 -15.26 -12.64
CA THR B 58 17.84 -13.91 -13.00
C THR B 58 17.50 -13.15 -11.74
N VAL B 59 17.99 -11.91 -11.62
CA VAL B 59 17.67 -11.02 -10.52
C VAL B 59 16.83 -9.88 -11.07
N TYR B 60 15.69 -9.63 -10.43
CA TYR B 60 14.83 -8.50 -10.76
C TYR B 60 14.99 -7.42 -9.69
N GLU B 61 15.27 -6.20 -10.12
CA GLU B 61 15.55 -5.09 -9.22
C GLU B 61 14.73 -3.88 -9.65
N ARG B 62 14.08 -3.24 -8.68
CA ARG B 62 13.24 -2.09 -8.99
C ARG B 62 14.05 -0.86 -9.37
N ASP B 63 15.26 -0.72 -8.82
CA ASP B 63 16.11 0.43 -9.15
C ASP B 63 16.18 0.61 -10.66
N LYS B 64 16.21 1.87 -11.08
CA LYS B 64 16.10 2.20 -12.51
C LYS B 64 17.24 1.57 -13.30
N ASP B 65 18.46 1.70 -12.79
CA ASP B 65 19.63 1.19 -13.49
C ASP B 65 20.77 1.06 -12.49
N GLN B 66 21.85 0.43 -12.95
CA GLN B 66 22.96 0.11 -12.05
C GLN B 66 23.58 1.34 -11.41
N ASP B 67 23.37 2.53 -11.99
CA ASP B 67 23.96 3.75 -11.48
C ASP B 67 23.16 4.37 -10.34
N ALA B 68 22.01 3.81 -9.99
CA ALA B 68 21.22 4.34 -8.88
C ALA B 68 22.05 4.38 -7.61
N ARG B 69 22.02 5.51 -6.92
CA ARG B 69 22.71 5.63 -5.64
C ARG B 69 21.98 4.84 -4.57
N ILE B 70 22.75 4.26 -3.66
CA ILE B 70 22.21 3.52 -2.52
C ILE B 70 22.40 4.39 -1.28
N PHE B 71 21.30 4.75 -0.63
CA PHE B 71 21.36 5.58 0.56
C PHE B 71 21.66 4.71 1.78
N GLY B 72 22.43 5.27 2.70
CA GLY B 72 22.79 4.59 3.93
C GLY B 72 24.28 4.68 4.19
N GLY B 73 24.67 4.11 5.32
CA GLY B 73 26.06 4.13 5.73
C GLY B 73 26.85 3.01 5.09
N THR B 74 28.05 2.78 5.64
CA THR B 74 28.90 1.72 5.17
C THR B 74 28.49 0.39 5.80
N LEU B 75 28.93 -0.70 5.18
CA LEU B 75 28.70 -2.04 5.68
C LEU B 75 30.02 -2.67 6.07
N ASP B 76 30.00 -3.47 7.13
CA ASP B 76 31.17 -4.19 7.61
C ASP B 76 30.84 -5.68 7.62
N LEU B 77 31.68 -6.47 6.96
CA LEU B 77 31.47 -7.91 6.87
C LEU B 77 32.26 -8.61 7.96
N HIS B 78 31.57 -9.46 8.71
CA HIS B 78 32.18 -10.16 9.82
C HIS B 78 32.90 -11.42 9.32
N ARG B 79 33.99 -11.76 9.99
CA ARG B 79 34.82 -12.88 9.54
C ARG B 79 34.02 -14.17 9.53
N ASP B 80 33.18 -14.39 10.56
CA ASP B 80 32.48 -15.66 10.67
C ASP B 80 31.38 -15.80 9.61
N SER B 81 30.66 -14.73 9.29
CA SER B 81 29.49 -14.84 8.43
C SER B 81 29.64 -14.12 7.09
N GLY B 82 29.80 -12.80 7.09
CA GLY B 82 29.78 -12.06 5.84
C GLY B 82 30.98 -12.36 4.96
N GLN B 83 32.16 -12.47 5.57
CA GLN B 83 33.36 -12.75 4.80
C GLN B 83 33.35 -14.16 4.24
N GLU B 84 32.74 -15.11 4.96
CA GLU B 84 32.63 -16.47 4.44
C GLU B 84 31.84 -16.50 3.14
N ALA B 85 30.72 -15.76 3.07
CA ALA B 85 29.96 -15.70 1.83
C ALA B 85 30.79 -15.06 0.72
N MET B 86 31.50 -13.97 1.03
CA MET B 86 32.37 -13.36 0.04
C MET B 86 33.51 -14.29 -0.34
N LYS B 87 34.01 -15.07 0.62
CA LYS B 87 35.08 -16.02 0.34
C LYS B 87 34.58 -17.13 -0.59
N ARG B 88 33.44 -17.73 -0.28
CA ARG B 88 32.86 -18.75 -1.14
C ARG B 88 32.53 -18.18 -2.52
N ALA B 89 32.24 -16.88 -2.59
CA ALA B 89 31.96 -16.24 -3.87
C ALA B 89 33.22 -15.84 -4.63
N GLY B 90 34.40 -16.00 -4.03
CA GLY B 90 35.63 -15.59 -4.67
C GLY B 90 35.88 -14.09 -4.64
N LEU B 91 35.21 -13.36 -3.75
CA LEU B 91 35.24 -11.90 -3.76
C LEU B 91 35.86 -11.29 -2.50
N LEU B 92 36.33 -12.11 -1.55
CA LEU B 92 36.80 -11.56 -0.29
C LEU B 92 37.94 -10.58 -0.51
N GLN B 93 38.80 -10.84 -1.49
CA GLN B 93 39.97 -9.99 -1.70
C GLN B 93 39.58 -8.67 -2.36
N THR B 94 38.62 -8.69 -3.30
CA THR B 94 38.12 -7.45 -3.85
C THR B 94 37.48 -6.59 -2.75
N TYR B 95 36.78 -7.24 -1.82
CA TYR B 95 36.22 -6.52 -0.67
C TYR B 95 37.32 -5.92 0.19
N TYR B 96 38.40 -6.67 0.44
CA TYR B 96 39.52 -6.13 1.18
C TYR B 96 40.15 -4.96 0.45
N ASP B 97 40.20 -5.02 -0.88
CA ASP B 97 40.86 -3.96 -1.65
C ASP B 97 40.13 -2.63 -1.50
N LEU B 98 38.81 -2.66 -1.42
CA LEU B 98 38.01 -1.43 -1.38
C LEU B 98 37.58 -1.02 0.01
N ALA B 99 37.42 -1.98 0.93
CA ALA B 99 36.93 -1.63 2.26
C ALA B 99 38.01 -0.89 3.04
N LEU B 100 37.56 -0.04 3.97
CA LEU B 100 38.47 0.80 4.74
C LEU B 100 38.39 0.44 6.21
N PRO B 101 39.50 0.09 6.86
CA PRO B 101 39.47 -0.06 8.32
C PRO B 101 39.20 1.29 8.98
N MET B 102 38.33 1.28 9.98
CA MET B 102 37.87 2.51 10.62
C MET B 102 37.97 2.37 12.13
N GLY B 103 38.65 3.33 12.76
CA GLY B 103 38.58 3.45 14.20
C GLY B 103 37.25 4.02 14.65
N VAL B 104 37.06 4.03 15.97
CA VAL B 104 35.83 4.55 16.56
C VAL B 104 36.20 5.42 17.75
N ASN B 105 35.56 6.59 17.84
CA ASN B 105 35.69 7.47 18.99
C ASN B 105 34.35 7.60 19.68
N ILE B 106 34.35 7.39 20.99
CA ILE B 106 33.19 7.72 21.83
C ILE B 106 33.38 9.15 22.31
N VAL B 107 32.42 10.01 22.02
CA VAL B 107 32.50 11.44 22.30
C VAL B 107 31.28 11.84 23.12
N ASP B 108 31.48 12.76 24.06
CA ASP B 108 30.35 13.28 24.81
C ASP B 108 29.69 14.40 24.02
N GLU B 109 28.61 14.96 24.58
CA GLU B 109 27.84 15.99 23.87
C GLU B 109 28.60 17.29 23.72
N LYS B 110 29.74 17.46 24.39
CA LYS B 110 30.53 18.67 24.30
C LYS B 110 31.72 18.53 23.36
N GLY B 111 31.91 17.36 22.75
CA GLY B 111 33.02 17.14 21.85
C GLY B 111 34.27 16.59 22.48
N ASN B 112 34.25 16.26 23.77
CA ASN B 112 35.38 15.61 24.41
C ASN B 112 35.41 14.13 24.05
N ILE B 113 36.55 13.65 23.62
CA ILE B 113 36.72 12.23 23.34
C ILE B 113 36.83 11.47 24.66
N LEU B 114 35.97 10.48 24.85
CA LEU B 114 36.00 9.66 26.05
C LEU B 114 36.86 8.42 25.88
N THR B 115 36.71 7.73 24.75
CA THR B 115 37.48 6.52 24.46
C THR B 115 37.74 6.47 22.96
N THR B 116 38.82 5.78 22.60
CA THR B 116 39.21 5.60 21.21
C THR B 116 39.57 4.13 20.98
N LYS B 117 38.76 3.44 20.18
CA LYS B 117 39.11 2.12 19.67
C LYS B 117 39.73 2.29 18.29
N ASN B 118 41.05 2.15 18.22
CA ASN B 118 41.78 2.30 16.96
C ASN B 118 42.00 0.93 16.32
N VAL B 119 42.25 0.95 15.02
CA VAL B 119 42.41 -0.28 14.26
C VAL B 119 43.79 -0.84 14.50
N ARG B 120 43.86 -2.09 14.87
CA ARG B 120 45.12 -2.80 15.02
C ARG B 120 45.50 -3.47 13.70
N PRO B 121 46.80 -3.56 13.41
CA PRO B 121 47.20 -4.17 12.12
C PRO B 121 46.77 -5.61 11.98
N GLU B 122 46.64 -6.35 13.09
CA GLU B 122 46.19 -7.73 13.03
C GLU B 122 44.67 -7.84 12.95
N ASN B 123 43.96 -6.72 13.06
CA ASN B 123 42.51 -6.69 12.92
C ASN B 123 42.07 -5.81 11.77
N ARG B 124 43.01 -5.41 10.89
CA ARG B 124 42.64 -4.59 9.74
C ARG B 124 41.51 -5.23 8.96
N PHE B 125 41.55 -6.54 8.79
CA PHE B 125 40.60 -7.27 7.97
C PHE B 125 39.51 -7.95 8.79
N ASP B 126 39.38 -7.58 10.07
CA ASP B 126 38.32 -8.15 10.89
C ASP B 126 36.95 -7.69 10.42
N ASN B 127 36.78 -6.40 10.14
CA ASN B 127 35.51 -5.94 9.58
C ASN B 127 35.66 -4.54 8.98
N PRO B 128 36.41 -4.39 7.90
CA PRO B 128 36.56 -3.06 7.29
C PRO B 128 35.26 -2.59 6.65
N GLU B 129 35.08 -1.26 6.65
CA GLU B 129 33.85 -0.64 6.17
C GLU B 129 33.90 -0.47 4.65
N ILE B 130 32.81 -0.84 3.98
CA ILE B 130 32.72 -0.72 2.52
C ILE B 130 31.47 0.06 2.17
N ASN B 131 31.59 0.94 1.19
CA ASN B 131 30.45 1.68 0.66
C ASN B 131 29.46 0.74 -0.02
N ARG B 132 28.17 1.02 0.16
CA ARG B 132 27.13 0.13 -0.35
C ARG B 132 27.15 0.05 -1.87
N ASN B 133 27.41 1.17 -2.54
CA ASN B 133 27.49 1.14 -4.00
C ASN B 133 28.71 0.38 -4.47
N ASP B 134 29.84 0.52 -3.77
CA ASP B 134 31.03 -0.26 -4.12
C ASP B 134 30.78 -1.74 -3.93
N LEU B 135 30.13 -2.12 -2.83
CA LEU B 135 29.80 -3.52 -2.61
C LEU B 135 28.90 -4.05 -3.72
N ARG B 136 27.89 -3.27 -4.12
CA ARG B 136 27.05 -3.65 -5.23
C ARG B 136 27.87 -3.83 -6.50
N THR B 137 28.82 -2.92 -6.74
CA THR B 137 29.64 -3.01 -7.93
C THR B 137 30.53 -4.26 -7.90
N ILE B 138 31.10 -4.58 -6.74
CA ILE B 138 31.89 -5.81 -6.63
C ILE B 138 31.02 -7.01 -6.98
N LEU B 139 29.82 -7.06 -6.41
CA LEU B 139 28.93 -8.19 -6.67
C LEU B 139 28.48 -8.23 -8.12
N LEU B 140 28.12 -7.08 -8.70
CA LEU B 140 27.64 -7.07 -10.07
C LEU B 140 28.73 -7.53 -11.04
N ASN B 141 29.96 -7.08 -10.82
CA ASN B 141 31.05 -7.43 -11.73
C ASN B 141 31.36 -8.92 -11.74
N SER B 142 30.98 -9.66 -10.70
CA SER B 142 31.19 -11.09 -10.66
C SER B 142 30.01 -11.88 -11.20
N LEU B 143 28.96 -11.20 -11.64
CA LEU B 143 27.82 -11.85 -12.27
C LEU B 143 27.96 -11.75 -13.79
N GLN B 144 27.38 -12.73 -14.47
CA GLN B 144 27.29 -12.66 -15.91
C GLN B 144 26.52 -11.40 -16.30
N ASN B 145 26.80 -10.88 -17.48
CA ASN B 145 26.10 -9.69 -17.94
C ASN B 145 24.61 -9.98 -18.07
N ASP B 146 23.80 -8.96 -17.78
CA ASP B 146 22.34 -9.08 -17.89
C ASP B 146 21.78 -10.14 -16.96
N THR B 147 22.48 -10.43 -15.85
CA THR B 147 21.88 -11.23 -14.80
C THR B 147 20.81 -10.44 -14.06
N VAL B 148 21.13 -9.20 -13.68
CA VAL B 148 20.15 -8.33 -13.06
C VAL B 148 19.35 -7.65 -14.16
N ILE B 149 18.03 -7.76 -14.08
CA ILE B 149 17.12 -6.99 -14.94
C ILE B 149 16.64 -5.80 -14.12
N TRP B 150 16.99 -4.60 -14.58
CA TRP B 150 16.71 -3.39 -13.83
C TRP B 150 15.32 -2.85 -14.19
N ASP B 151 14.85 -1.91 -13.37
CA ASP B 151 13.53 -1.30 -13.57
C ASP B 151 12.44 -2.37 -13.59
N ARG B 152 12.56 -3.37 -12.72
CA ARG B 152 11.58 -4.43 -12.59
C ARG B 152 11.14 -4.50 -11.13
N LYS B 153 10.07 -3.77 -10.81
CA LYS B 153 9.47 -3.78 -9.48
C LYS B 153 8.41 -4.87 -9.43
N LEU B 154 8.67 -5.92 -8.65
CA LEU B 154 7.71 -7.00 -8.51
C LEU B 154 6.48 -6.48 -7.75
N VAL B 155 5.30 -6.70 -8.32
CA VAL B 155 4.04 -6.26 -7.74
C VAL B 155 3.18 -7.45 -7.30
N THR B 156 3.06 -8.45 -8.15
CA THR B 156 2.29 -9.64 -7.82
C THR B 156 3.13 -10.88 -8.10
N LEU B 157 2.90 -11.90 -7.28
CA LEU B 157 3.59 -13.18 -7.38
C LEU B 157 2.55 -14.26 -7.13
N GLU B 158 2.20 -15.02 -8.18
CA GLU B 158 1.15 -16.02 -8.07
C GLU B 158 1.54 -17.29 -8.81
N PRO B 159 1.19 -18.47 -8.27
CA PRO B 159 1.52 -19.71 -8.97
C PRO B 159 0.53 -20.02 -10.08
N ASP B 160 1.05 -20.55 -11.17
CA ASP B 160 0.24 -21.01 -12.30
C ASP B 160 0.76 -22.39 -12.69
N LYS B 161 0.06 -23.44 -12.23
CA LYS B 161 0.44 -24.82 -12.48
C LYS B 161 1.75 -25.14 -11.78
N GLU B 162 2.85 -25.31 -12.53
CA GLU B 162 4.15 -25.62 -11.92
C GLU B 162 5.12 -24.45 -12.01
N LYS B 163 4.64 -23.25 -12.32
CA LYS B 163 5.49 -22.08 -12.50
C LYS B 163 4.99 -20.92 -11.65
N TRP B 164 5.94 -20.16 -11.11
CA TRP B 164 5.61 -18.87 -10.51
C TRP B 164 5.41 -17.84 -11.61
N ILE B 165 4.35 -17.04 -11.48
CA ILE B 165 4.08 -15.94 -12.40
C ILE B 165 4.45 -14.64 -11.70
N LEU B 166 5.41 -13.91 -12.26
CA LEU B 166 5.89 -12.66 -11.69
C LEU B 166 5.40 -11.51 -12.56
N THR B 167 4.61 -10.61 -11.97
CA THR B 167 4.10 -9.44 -12.67
C THR B 167 4.74 -8.20 -12.07
N PHE B 168 5.22 -7.31 -12.94
CA PHE B 168 5.99 -6.15 -12.53
C PHE B 168 5.22 -4.87 -12.83
N GLU B 169 5.71 -3.78 -12.23
CA GLU B 169 5.02 -2.50 -12.31
C GLU B 169 4.96 -1.98 -13.75
N ASP B 170 6.00 -2.24 -14.54
CA ASP B 170 5.95 -1.86 -15.96
C ASP B 170 5.00 -2.77 -16.78
N LYS B 171 4.25 -3.65 -16.11
CA LYS B 171 3.24 -4.54 -16.66
C LYS B 171 3.86 -5.78 -17.32
N SER B 172 5.18 -5.90 -17.36
CA SER B 172 5.78 -7.10 -17.89
C SER B 172 5.52 -8.28 -16.95
N SER B 173 5.58 -9.48 -17.52
CA SER B 173 5.30 -10.72 -16.79
C SER B 173 6.39 -11.72 -17.08
N GLU B 174 6.73 -12.53 -16.08
CA GLU B 174 7.81 -13.51 -16.21
C GLU B 174 7.44 -14.75 -15.41
N THR B 175 8.28 -15.78 -15.55
CA THR B 175 8.05 -17.08 -14.95
C THR B 175 9.33 -17.57 -14.27
N ALA B 176 9.15 -18.43 -13.27
CA ALA B 176 10.28 -19.06 -12.60
C ALA B 176 9.82 -20.36 -11.97
N ASP B 177 10.79 -21.28 -11.81
CA ASP B 177 10.53 -22.53 -11.10
C ASP B 177 10.78 -22.40 -9.60
N LEU B 178 11.67 -21.51 -9.20
CA LEU B 178 11.98 -21.25 -7.81
C LEU B 178 12.11 -19.75 -7.63
N VAL B 179 11.51 -19.23 -6.57
CA VAL B 179 11.55 -17.81 -6.26
C VAL B 179 12.22 -17.64 -4.91
N ILE B 180 13.17 -16.73 -4.85
CA ILE B 180 13.87 -16.38 -3.62
C ILE B 180 13.58 -14.90 -3.37
N ILE B 181 12.88 -14.61 -2.28
CA ILE B 181 12.56 -13.24 -1.92
C ILE B 181 13.76 -12.63 -1.20
N ALA B 182 14.36 -11.62 -1.83
CA ALA B 182 15.46 -10.89 -1.22
C ALA B 182 15.29 -9.39 -1.41
N ASN B 183 14.04 -8.91 -1.38
CA ASN B 183 13.73 -7.52 -1.69
C ASN B 183 13.50 -6.68 -0.43
N GLY B 184 14.11 -7.05 0.68
CA GLY B 184 14.26 -6.14 1.79
C GLY B 184 13.18 -6.26 2.85
N GLY B 185 13.34 -5.42 3.88
CA GLY B 185 12.54 -5.53 5.09
C GLY B 185 11.07 -5.19 4.92
N MET B 186 10.73 -4.37 3.92
CA MET B 186 9.35 -3.95 3.69
C MET B 186 8.69 -4.75 2.58
N SER B 187 9.16 -5.97 2.33
CA SER B 187 8.65 -6.77 1.22
C SER B 187 7.16 -7.02 1.38
N LYS B 188 6.43 -6.87 0.28
CA LYS B 188 5.00 -7.13 0.24
C LYS B 188 4.65 -8.45 -0.47
N VAL B 189 5.65 -9.28 -0.76
CA VAL B 189 5.43 -10.50 -1.53
C VAL B 189 5.78 -11.74 -0.70
N ARG B 190 5.56 -11.64 0.62
CA ARG B 190 5.93 -12.71 1.54
C ARG B 190 4.81 -13.70 1.82
N LYS B 191 3.57 -13.42 1.36
CA LYS B 191 2.41 -14.11 1.94
C LYS B 191 2.49 -15.63 1.77
N PHE B 192 3.06 -16.11 0.66
CA PHE B 192 3.14 -17.55 0.47
C PHE B 192 4.12 -18.21 1.43
N VAL B 193 5.06 -17.45 2.00
CA VAL B 193 5.96 -17.99 3.00
C VAL B 193 5.39 -17.82 4.42
N THR B 194 4.79 -16.69 4.72
CA THR B 194 4.36 -16.41 6.09
C THR B 194 3.41 -15.24 6.09
N ASP B 195 2.51 -15.23 7.07
CA ASP B 195 1.62 -14.11 7.30
C ASP B 195 2.15 -13.13 8.35
N THR B 196 3.34 -13.39 8.89
CA THR B 196 3.92 -12.48 9.88
C THR B 196 4.00 -11.07 9.30
N GLU B 197 3.80 -10.08 10.18
CA GLU B 197 3.78 -8.68 9.80
C GLU B 197 4.95 -7.95 10.44
N VAL B 198 5.45 -6.93 9.73
CA VAL B 198 6.49 -6.08 10.27
C VAL B 198 5.95 -5.33 11.49
N GLU B 199 6.81 -5.14 12.49
CA GLU B 199 6.43 -4.48 13.73
C GLU B 199 7.41 -3.37 14.06
N GLU B 200 6.90 -2.33 14.71
CA GLU B 200 7.73 -1.23 15.19
C GLU B 200 8.26 -1.55 16.57
N THR B 201 9.54 -1.25 16.79
CA THR B 201 10.18 -1.57 18.07
C THR B 201 10.05 -0.46 19.10
N GLY B 202 9.87 0.78 18.67
CA GLY B 202 9.75 1.91 19.58
C GLY B 202 10.82 2.97 19.42
N THR B 203 11.85 2.74 18.61
CA THR B 203 12.87 3.75 18.34
C THR B 203 12.70 4.27 16.93
N PHE B 204 13.40 5.38 16.66
CA PHE B 204 13.29 6.10 15.41
C PHE B 204 14.68 6.51 14.98
N ASN B 205 14.94 6.44 13.67
CA ASN B 205 16.26 6.77 13.13
C ASN B 205 16.14 7.82 12.04
N ILE B 206 16.97 8.85 12.13
CA ILE B 206 17.12 9.86 11.10
C ILE B 206 18.54 9.75 10.56
N GLN B 207 18.67 9.51 9.26
CA GLN B 207 19.97 9.38 8.60
C GLN B 207 20.13 10.50 7.59
N ALA B 208 21.38 10.90 7.35
CA ALA B 208 21.65 11.91 6.35
C ALA B 208 23.11 11.83 5.92
N ASP B 209 23.39 12.46 4.79
CA ASP B 209 24.72 12.57 4.24
C ASP B 209 25.09 14.05 4.10
N ILE B 210 26.36 14.36 4.29
CA ILE B 210 26.92 15.66 3.97
C ILE B 210 28.09 15.38 3.03
N HIS B 211 27.92 15.74 1.76
CA HIS B 211 28.95 15.47 0.78
C HIS B 211 30.11 16.44 0.93
N GLN B 212 31.30 15.97 0.57
CA GLN B 212 32.52 16.77 0.66
C GLN B 212 32.62 17.42 2.04
N PRO B 213 32.60 16.61 3.11
CA PRO B 213 32.50 17.16 4.47
C PRO B 213 33.66 18.05 4.88
N GLU B 214 34.85 17.83 4.33
CA GLU B 214 35.98 18.67 4.70
C GLU B 214 35.77 20.12 4.32
N VAL B 215 34.93 20.40 3.34
CA VAL B 215 34.66 21.75 2.88
C VAL B 215 33.33 22.24 3.46
N ASN B 216 32.37 21.33 3.62
CA ASN B 216 31.00 21.72 3.92
C ASN B 216 30.59 21.57 5.37
N CYS B 217 31.27 20.72 6.16
CA CYS B 217 31.07 20.68 7.61
C CYS B 217 32.42 20.50 8.29
N PRO B 218 33.36 21.42 8.06
CA PRO B 218 34.72 21.21 8.54
C PRO B 218 34.83 21.09 10.06
N GLY B 219 33.98 21.78 10.81
CA GLY B 219 34.06 21.70 12.26
C GLY B 219 33.79 20.29 12.76
N PHE B 220 32.71 19.67 12.29
CA PHE B 220 32.39 18.32 12.73
C PHE B 220 33.32 17.30 12.10
N PHE B 221 33.72 17.52 10.86
CA PHE B 221 34.68 16.63 10.21
C PHE B 221 35.98 16.58 11.01
N GLN B 222 36.42 17.74 11.49
CA GLN B 222 37.62 17.80 12.33
C GLN B 222 37.42 17.04 13.63
N LEU B 223 36.23 17.14 14.21
CA LEU B 223 35.94 16.44 15.46
C LEU B 223 36.09 14.94 15.29
N CYS B 224 35.54 14.38 14.20
CA CYS B 224 35.65 12.94 13.96
C CYS B 224 37.10 12.50 13.87
N ASN B 225 37.96 13.35 13.32
CA ASN B 225 39.41 13.09 13.30
C ASN B 225 39.74 11.76 12.63
N GLY B 226 39.06 11.46 11.52
CA GLY B 226 39.34 10.28 10.74
C GLY B 226 38.72 9.00 11.28
N ASN B 227 38.01 9.07 12.39
CA ASN B 227 37.38 7.90 12.99
C ASN B 227 35.86 8.05 12.95
N ARG B 228 35.17 6.91 12.97
CA ARG B 228 33.74 6.93 13.25
C ARG B 228 33.51 7.56 14.62
N LEU B 229 32.36 8.19 14.77
CA LEU B 229 32.01 8.87 16.01
C LEU B 229 30.70 8.31 16.56
N MET B 230 30.66 8.16 17.88
CA MET B 230 29.46 7.70 18.57
C MET B 230 29.30 8.54 19.83
N ALA B 231 28.07 9.02 20.07
CA ALA B 231 27.80 9.85 21.23
C ALA B 231 26.38 9.61 21.69
N ALA B 232 26.20 9.53 23.01
CA ALA B 232 24.89 9.34 23.61
C ALA B 232 24.64 10.39 24.68
N HIS B 233 23.44 10.96 24.67
CA HIS B 233 23.06 11.99 25.64
C HIS B 233 21.56 12.20 25.64
N GLN B 234 20.95 12.10 26.82
CA GLN B 234 19.53 12.42 27.01
C GLN B 234 18.63 11.49 26.21
N GLY B 235 19.06 10.25 25.99
CA GLY B 235 18.30 9.31 25.21
C GLY B 235 18.52 9.42 23.72
N ASN B 236 19.33 10.35 23.27
CA ASN B 236 19.59 10.58 21.86
C ASN B 236 20.98 10.07 21.54
N LEU B 237 21.08 9.28 20.47
CA LEU B 237 22.35 8.75 20.00
C LEU B 237 22.70 9.37 18.65
N LEU B 238 23.98 9.67 18.48
CA LEU B 238 24.50 10.18 17.22
C LEU B 238 25.63 9.25 16.77
N PHE B 239 25.56 8.82 15.52
CA PHE B 239 26.61 8.04 14.90
C PHE B 239 27.07 8.78 13.65
N ALA B 240 28.37 8.72 13.36
CA ALA B 240 28.87 9.39 12.17
C ALA B 240 30.06 8.63 11.61
N ASN B 241 30.08 8.48 10.30
CA ASN B 241 31.23 7.99 9.57
C ASN B 241 31.72 9.12 8.68
N PRO B 242 32.90 9.72 8.96
CA PRO B 242 33.33 10.88 8.18
C PRO B 242 33.75 10.54 6.76
N ASN B 243 33.95 9.25 6.44
CA ASN B 243 34.57 8.87 5.17
C ASN B 243 33.77 7.72 4.56
N ASN B 244 32.74 8.07 3.80
CA ASN B 244 32.00 7.10 2.99
C ASN B 244 32.04 7.59 1.56
N ASN B 245 33.13 7.26 0.88
CA ASN B 245 33.32 7.61 -0.53
C ASN B 245 33.02 9.09 -0.77
N GLY B 246 33.76 9.93 -0.07
CA GLY B 246 33.66 11.37 -0.27
C GLY B 246 32.51 12.05 0.42
N ALA B 247 31.80 11.34 1.30
CA ALA B 247 30.70 11.92 2.04
C ALA B 247 30.79 11.52 3.50
N LEU B 248 30.27 12.38 4.36
CA LEU B 248 30.06 12.06 5.76
C LEU B 248 28.62 11.58 5.93
N HIS B 249 28.45 10.40 6.49
CA HIS B 249 27.15 9.84 6.79
C HIS B 249 26.94 9.89 8.30
N PHE B 250 25.77 10.36 8.72
CA PHE B 250 25.49 10.36 10.14
C PHE B 250 24.04 9.99 10.39
N GLY B 251 23.79 9.50 11.59
CA GLY B 251 22.48 9.06 11.99
C GLY B 251 22.16 9.50 13.41
N ILE B 252 20.91 9.88 13.64
CA ILE B 252 20.43 10.25 14.96
C ILE B 252 19.27 9.32 15.32
N SER B 253 19.36 8.71 16.49
CA SER B 253 18.37 7.74 16.94
C SER B 253 17.86 8.14 18.32
N PHE B 254 16.61 7.78 18.59
CA PHE B 254 15.99 8.07 19.86
C PHE B 254 14.69 7.29 19.94
N LYS B 255 14.21 7.08 21.16
CA LYS B 255 12.86 6.55 21.33
C LYS B 255 11.87 7.45 20.62
N THR B 256 10.97 6.83 19.87
CA THR B 256 9.98 7.60 19.13
C THR B 256 9.19 8.46 20.11
N PRO B 257 9.09 9.77 19.89
CA PRO B 257 8.25 10.59 20.78
C PRO B 257 6.81 10.09 20.78
N ASP B 258 6.21 10.04 21.97
CA ASP B 258 4.82 9.63 22.06
C ASP B 258 3.90 10.60 21.31
N GLU B 259 4.30 11.86 21.21
CA GLU B 259 3.49 12.84 20.48
C GLU B 259 3.36 12.50 19.01
N TRP B 260 4.27 11.70 18.45
CA TRP B 260 4.19 11.38 17.02
C TRP B 260 3.07 10.40 16.70
N LYS B 261 2.28 10.02 17.70
CA LYS B 261 1.01 9.36 17.47
C LYS B 261 -0.14 10.36 17.34
N SER B 262 0.17 11.65 17.24
CA SER B 262 -0.85 12.69 17.07
C SER B 262 -0.80 13.27 15.67
N VAL B 266 6.34 17.15 13.09
CA VAL B 266 7.51 17.00 12.25
C VAL B 266 7.13 16.25 10.97
N ASP B 267 7.36 16.88 9.82
CA ASP B 267 7.17 16.27 8.51
C ASP B 267 8.52 16.14 7.83
N PHE B 268 8.87 14.93 7.40
CA PHE B 268 10.20 14.69 6.86
C PHE B 268 10.33 15.08 5.40
N GLN B 269 9.25 15.53 4.75
CA GLN B 269 9.38 16.18 3.46
C GLN B 269 9.83 17.63 3.60
N ASP B 270 9.70 18.22 4.78
CA ASP B 270 10.11 19.60 5.05
C ASP B 270 11.40 19.56 5.86
N ARG B 271 12.53 19.81 5.19
CA ARG B 271 13.81 19.86 5.88
C ARG B 271 13.76 20.80 7.08
N ASN B 272 13.11 21.96 6.91
CA ASN B 272 13.14 22.99 7.95
C ASN B 272 12.54 22.50 9.26
N SER B 273 11.45 21.72 9.18
CA SER B 273 10.84 21.23 10.40
C SER B 273 11.71 20.16 11.08
N VAL B 274 12.41 19.34 10.29
CA VAL B 274 13.33 18.37 10.88
C VAL B 274 14.47 19.10 11.58
N VAL B 275 15.03 20.14 10.94
CA VAL B 275 16.11 20.89 11.56
C VAL B 275 15.63 21.52 12.86
N ASP B 276 14.44 22.11 12.86
CA ASP B 276 13.92 22.72 14.08
C ASP B 276 13.78 21.69 15.19
N PHE B 277 13.25 20.51 14.86
CA PHE B 277 13.08 19.47 15.87
C PHE B 277 14.42 19.01 16.43
N LEU B 278 15.39 18.72 15.55
CA LEU B 278 16.66 18.17 16.01
C LEU B 278 17.44 19.20 16.83
N LEU B 279 17.38 20.47 16.45
CA LEU B 279 18.07 21.49 17.23
C LEU B 279 17.49 21.61 18.64
N LYS B 280 16.18 21.39 18.79
CA LYS B 280 15.61 21.31 20.12
C LYS B 280 16.16 20.12 20.88
N LYS B 281 16.15 18.94 20.26
CA LYS B 281 16.71 17.76 20.90
C LYS B 281 18.18 17.96 21.24
N PHE B 282 18.92 18.65 20.38
CA PHE B 282 20.35 18.84 20.55
C PHE B 282 20.71 20.19 21.17
N SER B 283 19.78 20.79 21.92
CA SER B 283 20.04 22.08 22.55
C SER B 283 21.34 22.07 23.34
N ASP B 284 21.56 21.02 24.13
CA ASP B 284 22.69 20.98 25.06
C ASP B 284 23.99 20.53 24.42
N TRP B 285 23.98 20.16 23.14
CA TRP B 285 25.18 19.63 22.51
C TRP B 285 26.05 20.77 21.98
N ASP B 286 27.33 20.45 21.76
CA ASP B 286 28.29 21.42 21.26
C ASP B 286 27.86 21.98 19.90
N GLU B 287 28.27 23.22 19.65
CA GLU B 287 27.84 23.91 18.43
C GLU B 287 28.22 23.13 17.18
N ARG B 288 29.31 22.36 17.22
CA ARG B 288 29.70 21.58 16.06
C ARG B 288 28.64 20.55 15.69
N TYR B 289 28.00 19.96 16.70
CA TYR B 289 26.87 19.07 16.43
C TYR B 289 25.70 19.83 15.82
N LYS B 290 25.40 21.02 16.35
CA LYS B 290 24.29 21.81 15.82
C LYS B 290 24.57 22.29 14.40
N GLU B 291 25.82 22.65 14.11
CA GLU B 291 26.19 22.98 12.74
C GLU B 291 25.90 21.80 11.81
N LEU B 292 26.28 20.60 12.24
CA LEU B 292 26.03 19.41 11.42
C LEU B 292 24.56 19.31 11.03
N ILE B 293 23.67 19.55 11.98
CA ILE B 293 22.24 19.45 11.69
C ILE B 293 21.81 20.55 10.74
N ARG B 294 22.33 21.77 10.93
CA ARG B 294 21.92 22.88 10.06
C ARG B 294 22.48 22.76 8.65
N LEU B 295 23.55 21.99 8.47
CA LEU B 295 24.23 21.86 7.18
C LEU B 295 23.67 20.72 6.34
N THR B 296 22.67 20.00 6.84
CA THR B 296 22.13 18.84 6.15
C THR B 296 21.03 19.27 5.21
N SER B 297 21.11 18.81 3.96
CA SER B 297 20.13 19.19 2.95
C SER B 297 18.96 18.23 2.88
N SER B 298 19.18 16.97 3.24
CA SER B 298 18.16 15.94 3.14
C SER B 298 18.20 15.06 4.38
N PHE B 299 17.05 14.81 4.97
CA PHE B 299 16.90 13.90 6.10
C PHE B 299 16.02 12.74 5.69
N VAL B 300 16.44 11.53 6.03
CA VAL B 300 15.62 10.34 5.89
C VAL B 300 15.28 9.83 7.29
N GLY B 301 13.99 9.86 7.63
CA GLY B 301 13.50 9.37 8.91
C GLY B 301 12.75 8.07 8.72
N LEU B 302 13.00 7.10 9.60
CA LEU B 302 12.27 5.84 9.54
C LEU B 302 12.21 5.22 10.93
N ALA B 303 11.01 4.77 11.31
CA ALA B 303 10.84 4.04 12.55
C ALA B 303 11.57 2.71 12.49
N THR B 304 12.25 2.35 13.58
CA THR B 304 12.94 1.08 13.64
C THR B 304 11.93 -0.06 13.62
N ARG B 305 12.17 -1.05 12.77
CA ARG B 305 11.24 -2.14 12.58
C ARG B 305 11.94 -3.48 12.75
N ILE B 306 11.12 -4.51 12.97
CA ILE B 306 11.60 -5.87 13.06
C ILE B 306 10.60 -6.77 12.33
N PHE B 307 11.12 -7.73 11.58
CA PHE B 307 10.30 -8.81 11.05
C PHE B 307 10.53 -10.01 11.96
N PRO B 308 9.69 -10.24 12.96
CA PRO B 308 10.05 -11.19 14.02
C PRO B 308 10.01 -12.64 13.54
N LEU B 309 11.01 -13.40 13.97
CA LEU B 309 11.07 -14.85 13.78
C LEU B 309 10.40 -15.60 14.93
N ASP B 310 9.44 -14.98 15.61
CA ASP B 310 8.76 -15.64 16.72
C ASP B 310 7.96 -16.84 16.25
N LYS B 311 7.29 -16.71 15.11
CA LYS B 311 6.43 -17.75 14.57
C LYS B 311 7.06 -18.39 13.35
N SER B 312 6.95 -19.71 13.25
CA SER B 312 7.50 -20.44 12.12
C SER B 312 6.69 -20.17 10.86
N TRP B 313 7.32 -20.42 9.72
CA TRP B 313 6.73 -20.13 8.43
C TRP B 313 5.80 -21.26 7.99
N LYS B 314 5.14 -21.07 6.85
CA LYS B 314 4.15 -22.03 6.37
C LYS B 314 4.81 -23.30 5.87
N SER B 315 4.25 -24.44 6.28
CA SER B 315 4.78 -25.73 5.84
C SER B 315 4.25 -26.15 4.48
N LYS B 316 3.10 -25.64 4.06
CA LYS B 316 2.54 -25.93 2.75
C LYS B 316 2.63 -24.68 1.89
N ARG B 317 3.28 -24.80 0.73
CA ARG B 317 3.44 -23.72 -0.22
C ARG B 317 3.22 -24.29 -1.61
N PRO B 318 2.58 -23.54 -2.52
CA PRO B 318 2.23 -24.11 -3.82
C PRO B 318 3.43 -24.51 -4.66
N LEU B 319 4.54 -23.77 -4.57
CA LEU B 319 5.74 -24.06 -5.33
C LEU B 319 6.94 -23.66 -4.49
N PRO B 320 8.13 -24.11 -4.85
CA PRO B 320 9.32 -23.77 -4.05
C PRO B 320 9.52 -22.27 -3.97
N ILE B 321 9.61 -21.75 -2.75
CA ILE B 321 9.83 -20.34 -2.50
C ILE B 321 10.38 -20.20 -1.09
N THR B 322 11.23 -19.19 -0.90
CA THR B 322 11.79 -18.89 0.42
C THR B 322 12.29 -17.45 0.41
N MET B 323 12.76 -17.01 1.57
CA MET B 323 13.17 -15.62 1.75
C MET B 323 14.54 -15.57 2.42
N ILE B 324 15.32 -14.56 2.04
CA ILE B 324 16.65 -14.34 2.60
C ILE B 324 16.79 -12.86 2.91
N GLY B 325 17.78 -12.54 3.76
CA GLY B 325 18.06 -11.14 4.04
C GLY B 325 17.01 -10.49 4.92
N ASP B 326 16.89 -9.17 4.77
CA ASP B 326 15.92 -8.42 5.57
C ASP B 326 14.49 -8.87 5.30
N ALA B 327 14.22 -9.37 4.09
CA ALA B 327 12.92 -9.95 3.81
C ALA B 327 12.60 -11.07 4.79
N ALA B 328 13.63 -11.77 5.28
CA ALA B 328 13.45 -12.89 6.18
C ALA B 328 13.43 -12.47 7.65
N HIS B 329 14.36 -11.62 8.08
CA HIS B 329 14.55 -11.37 9.51
C HIS B 329 14.93 -9.92 9.83
N LEU B 330 14.40 -8.95 9.07
CA LEU B 330 14.65 -7.53 9.37
C LEU B 330 14.70 -7.30 10.88
N MET B 331 15.74 -6.63 11.35
CA MET B 331 15.93 -6.38 12.77
C MET B 331 16.55 -5.01 12.98
N PRO B 332 16.42 -4.46 14.19
CA PRO B 332 17.00 -3.14 14.48
C PRO B 332 18.49 -3.12 14.23
N PRO B 333 19.02 -2.05 13.62
CA PRO B 333 20.47 -1.99 13.32
C PRO B 333 21.25 -1.36 14.47
N PHE B 334 21.39 -2.12 15.56
CA PHE B 334 22.13 -1.66 16.72
C PHE B 334 23.09 -2.72 17.25
N ALA B 335 23.25 -3.83 16.54
CA ALA B 335 24.25 -4.83 16.87
C ALA B 335 25.13 -5.19 15.67
N GLY B 336 24.91 -4.57 14.52
CA GLY B 336 25.73 -4.85 13.35
C GLY B 336 25.45 -6.17 12.68
N GLN B 337 24.31 -6.78 12.96
CA GLN B 337 24.02 -8.13 12.49
C GLN B 337 23.23 -8.16 11.18
N GLY B 338 22.75 -7.02 10.70
CA GLY B 338 21.82 -7.00 9.60
C GLY B 338 22.27 -7.70 8.33
N VAL B 339 23.29 -7.16 7.66
CA VAL B 339 23.70 -7.74 6.37
C VAL B 339 24.42 -9.06 6.58
N ASN B 340 25.14 -9.21 7.70
CA ASN B 340 25.90 -10.44 7.91
C ASN B 340 25.00 -11.64 8.12
N SER B 341 23.85 -11.46 8.77
CA SER B 341 22.87 -12.53 8.85
C SER B 341 22.31 -12.86 7.47
N GLY B 342 22.08 -11.83 6.64
CA GLY B 342 21.58 -12.07 5.30
C GLY B 342 22.58 -12.76 4.41
N LEU B 343 23.86 -12.38 4.50
CA LEU B 343 24.88 -13.05 3.70
C LEU B 343 25.05 -14.51 4.14
N MET B 344 24.85 -14.79 5.42
CA MET B 344 24.79 -16.18 5.86
C MET B 344 23.59 -16.90 5.26
N ASP B 345 22.44 -16.24 5.18
CA ASP B 345 21.28 -16.84 4.52
C ASP B 345 21.68 -17.33 3.13
N ALA B 346 22.30 -16.46 2.34
CA ALA B 346 22.65 -16.80 0.97
C ALA B 346 23.66 -17.94 0.94
N LEU B 347 24.61 -17.94 1.87
CA LEU B 347 25.62 -18.99 1.91
C LEU B 347 25.01 -20.35 2.21
N ILE B 348 24.13 -20.42 3.20
CA ILE B 348 23.54 -21.71 3.58
C ILE B 348 22.58 -22.19 2.52
N LEU B 349 21.71 -21.29 2.04
CA LEU B 349 20.69 -21.70 1.07
C LEU B 349 21.34 -22.13 -0.24
N SER B 350 22.30 -21.35 -0.74
CA SER B 350 22.98 -21.71 -1.98
C SER B 350 23.74 -23.03 -1.81
N ASP B 351 24.40 -23.21 -0.67
CA ASP B 351 25.08 -24.48 -0.43
C ASP B 351 24.09 -25.64 -0.44
N ASN B 352 22.96 -25.48 0.26
CA ASN B 352 21.96 -26.54 0.31
C ASN B 352 21.47 -26.92 -1.09
N LEU B 353 21.30 -25.92 -1.96
CA LEU B 353 20.75 -26.19 -3.29
C LEU B 353 21.77 -26.78 -4.25
N THR B 354 23.05 -26.83 -3.89
CA THR B 354 24.09 -27.25 -4.83
C THR B 354 25.05 -28.29 -4.28
N ASN B 355 24.98 -28.64 -3.00
CA ASN B 355 25.98 -29.52 -2.41
C ASN B 355 25.61 -31.00 -2.46
N GLY B 356 24.48 -31.34 -3.04
CA GLY B 356 24.10 -32.74 -3.22
C GLY B 356 23.65 -33.45 -1.97
N LYS B 357 23.56 -32.75 -0.84
CA LYS B 357 23.12 -33.38 0.40
C LYS B 357 21.61 -33.63 0.43
N PHE B 358 20.85 -32.89 -0.37
CA PHE B 358 19.39 -32.95 -0.34
C PHE B 358 18.85 -33.50 -1.65
N ASN B 359 17.70 -34.16 -1.55
CA ASN B 359 17.09 -34.86 -2.68
C ASN B 359 15.83 -34.18 -3.17
N SER B 360 15.45 -33.04 -2.59
CA SER B 360 14.37 -32.22 -3.10
C SER B 360 14.72 -30.77 -2.80
N ILE B 361 14.29 -29.87 -3.71
CA ILE B 361 14.49 -28.45 -3.45
C ILE B 361 13.79 -28.06 -2.15
N GLU B 362 12.60 -28.61 -1.92
CA GLU B 362 11.83 -28.25 -0.73
C GLU B 362 12.57 -28.65 0.55
N GLU B 363 13.21 -29.81 0.56
CA GLU B 363 13.96 -30.21 1.76
C GLU B 363 15.21 -29.35 1.92
N ALA B 364 15.83 -28.94 0.82
CA ALA B 364 16.95 -28.02 0.92
C ALA B 364 16.52 -26.68 1.50
N ILE B 365 15.35 -26.19 1.07
CA ILE B 365 14.81 -24.95 1.61
C ILE B 365 14.50 -25.12 3.10
N GLU B 366 13.87 -26.24 3.46
CA GLU B 366 13.44 -26.44 4.84
C GLU B 366 14.63 -26.47 5.79
N ASN B 367 15.71 -27.15 5.40
CA ASN B 367 16.90 -27.16 6.26
C ASN B 367 17.50 -25.76 6.37
N TYR B 368 17.55 -25.02 5.27
CA TYR B 368 18.02 -23.64 5.33
C TYR B 368 17.23 -22.85 6.37
N GLU B 369 15.89 -22.93 6.30
CA GLU B 369 15.06 -22.14 7.21
C GLU B 369 15.25 -22.58 8.66
N GLN B 370 15.44 -23.88 8.88
CA GLN B 370 15.74 -24.35 10.23
C GLN B 370 16.99 -23.68 10.78
N GLN B 371 18.08 -23.67 9.99
CA GLN B 371 19.31 -23.01 10.43
C GLN B 371 19.10 -21.52 10.59
N MET B 372 18.41 -20.89 9.63
CA MET B 372 18.26 -19.44 9.65
C MET B 372 17.46 -18.99 10.87
N PHE B 373 16.41 -19.73 11.23
CA PHE B 373 15.65 -19.38 12.43
C PHE B 373 16.53 -19.46 13.67
N ALA B 374 17.50 -20.36 13.69
CA ALA B 374 18.39 -20.49 14.84
C ALA B 374 19.26 -19.26 15.00
N TYR B 375 20.11 -18.97 14.01
CA TYR B 375 20.98 -17.80 14.15
C TYR B 375 20.23 -16.50 13.92
N GLY B 376 19.12 -16.54 13.17
CA GLY B 376 18.30 -15.35 13.02
C GLY B 376 17.67 -14.91 14.33
N ARG B 377 17.12 -15.87 15.09
CA ARG B 377 16.51 -15.53 16.37
C ARG B 377 17.53 -14.97 17.35
N GLU B 378 18.74 -15.55 17.37
CA GLU B 378 19.78 -15.03 18.27
C GLU B 378 20.17 -13.62 17.87
N ALA B 379 20.33 -13.37 16.56
CA ALA B 379 20.68 -12.03 16.11
C ALA B 379 19.60 -11.03 16.49
N GLN B 380 18.33 -11.40 16.33
CA GLN B 380 17.24 -10.49 16.68
C GLN B 380 17.18 -10.24 18.18
N ALA B 381 17.41 -11.27 18.98
CA ALA B 381 17.40 -11.09 20.43
C ALA B 381 18.53 -10.18 20.87
N GLU B 382 19.71 -10.32 20.27
CA GLU B 382 20.82 -9.42 20.57
C GLU B 382 20.46 -7.99 20.18
N SER B 383 19.95 -7.80 18.96
CA SER B 383 19.68 -6.44 18.48
C SER B 383 18.61 -5.76 19.33
N ILE B 384 17.62 -6.52 19.81
CA ILE B 384 16.61 -5.95 20.69
C ILE B 384 17.22 -5.62 22.06
N ILE B 385 18.08 -6.50 22.58
CA ILE B 385 18.74 -6.22 23.84
C ILE B 385 19.54 -4.93 23.74
N ASN B 386 20.36 -4.81 22.69
CA ASN B 386 21.18 -3.61 22.53
C ASN B 386 20.32 -2.37 22.41
N GLU B 387 19.21 -2.47 21.67
CA GLU B 387 18.34 -1.32 21.49
C GLU B 387 17.74 -0.86 22.81
N THR B 388 17.23 -1.81 23.60
CA THR B 388 16.66 -1.45 24.90
C THR B 388 17.72 -0.82 25.80
N GLU B 389 18.93 -1.39 25.83
CA GLU B 389 20.00 -0.83 26.64
C GLU B 389 20.44 0.54 26.12
N MET B 390 20.59 0.68 24.80
CA MET B 390 21.22 1.88 24.26
C MET B 390 20.36 3.12 24.44
N PHE B 391 19.04 2.96 24.46
CA PHE B 391 18.14 4.10 24.55
C PHE B 391 17.59 4.30 25.96
N SER B 392 18.07 3.54 26.92
CA SER B 392 17.86 3.87 28.32
C SER B 392 18.69 5.09 28.70
N LEU B 393 18.14 5.96 29.54
CA LEU B 393 18.78 7.22 29.85
C LEU B 393 20.09 7.06 30.62
N ASP B 394 20.38 5.87 31.14
CA ASP B 394 21.63 5.62 31.86
C ASP B 394 22.72 5.04 30.97
N PHE B 395 22.52 5.01 29.65
CA PHE B 395 23.49 4.41 28.75
C PHE B 395 24.76 5.26 28.65
N SER B 396 25.91 4.57 28.48
CA SER B 396 27.19 5.28 28.48
C SER B 396 28.21 4.80 27.46
N PHE B 397 27.91 3.78 26.65
CA PHE B 397 28.93 3.20 25.75
C PHE B 397 30.08 2.61 26.56
O12 TDC C . -14.45 8.00 1.52
C12 TDC C . -15.21 8.33 2.40
C1B TDC C . -15.21 7.64 3.71
C11 TDC C . -14.48 6.44 3.83
O11 TDC C . -13.83 5.94 2.77
C1A TDC C . -14.43 5.73 5.06
C10 TDC C . -13.71 4.50 5.21
O10 TDC C . -13.05 4.02 4.13
C9 TDC C . -13.68 3.85 6.42
C8 TDC C . -14.35 4.38 7.53
C7 TDC C . -15.05 5.55 7.43
C61 TDC C . -15.11 6.26 6.19
C6 TDC C . -15.84 7.48 6.07
C62 TDC C . -16.55 8.02 7.30
C51 TDC C . -15.87 8.15 4.83
C5 TDC C . -16.62 9.45 4.65
C1C TDC C . -16.20 9.47 2.18
C1 TDC C . -15.49 10.78 1.95
O1 TDC C . -14.25 10.81 1.98
O1C TDC C . -16.87 9.18 0.95
C41 TDC C . -17.26 9.59 3.26
C4 TDC C . -18.09 10.90 3.22
N4 TDC C . -19.52 10.56 3.13
C43 TDC C . -20.46 11.59 3.61
C42 TDC C . -19.97 10.03 1.84
C3 TDC C . -17.63 11.86 2.14
O3 TDC C . -18.58 12.69 1.71
C2 TDC C . -16.31 11.91 1.68
C21 TDC C . -15.82 13.09 0.91
O21 TDC C . -16.54 14.06 0.76
N21 TDC C . -14.45 13.17 0.34
H9 TDC C . -13.19 3.05 6.51
H8 TDC C . -14.33 3.93 8.35
H7 TDC C . -15.51 5.89 8.18
H621 TDC C . -16.97 8.86 7.08
H622 TDC C . -15.91 8.15 8.01
H623 TDC C . -17.22 7.38 7.58
H5C1 TDC C . -16.01 10.19 4.80
H5C2 TDC C . -17.32 9.51 5.32
H41 TDC C . -17.87 8.85 3.07
H1C TDC C . -17.20 8.42 0.95
H4 TDC C . -17.95 11.40 4.06
H431 TDC C . -21.37 11.25 3.55
H432 TDC C . -20.37 12.38 3.05
H433 TDC C . -20.25 11.81 4.53
H421 TDC C . -20.91 9.79 1.88
H422 TDC C . -19.45 9.24 1.61
H423 TDC C . -19.84 10.71 1.15
H211 TDC C . -13.90 12.81 0.93
H212 TDC C . -14.25 14.04 0.35
PA FAD D . -23.54 3.02 -9.33
O1A FAD D . -24.67 3.87 -8.92
O2A FAD D . -22.12 3.51 -9.02
O5B FAD D . -23.63 2.80 -10.86
C5B FAD D . -24.85 2.36 -11.48
C4B FAD D . -24.81 2.73 -12.93
O4B FAD D . -26.05 2.33 -13.56
C3B FAD D . -24.63 4.22 -13.22
O3B FAD D . -23.67 4.43 -14.24
C2B FAD D . -26.03 4.67 -13.64
O2B FAD D . -26.01 5.75 -14.56
C1B FAD D . -26.56 3.40 -14.32
N9A FAD D . -28.00 3.29 -14.37
C8A FAD D . -28.91 3.59 -13.39
N7A FAD D . -30.16 3.36 -13.74
C5A FAD D . -30.06 2.86 -15.03
C6A FAD D . -31.03 2.42 -15.95
N6A FAD D . -32.34 2.42 -15.71
N1A FAD D . -30.58 1.98 -17.15
C2A FAD D . -29.27 1.99 -17.40
N3A FAD D . -28.28 2.38 -16.61
C4A FAD D . -28.74 2.81 -15.43
N1 FAD D . -17.90 3.77 -1.85
C2 FAD D . -16.57 3.56 -1.64
O2 FAD D . -16.06 2.45 -1.84
N3 FAD D . -15.76 4.59 -1.20
C4 FAD D . -16.18 5.88 -0.95
O4 FAD D . -15.38 6.73 -0.56
C4X FAD D . -17.60 6.10 -1.18
N5 FAD D . -18.07 7.29 -0.96
C5X FAD D . -19.42 7.50 -1.17
C6 FAD D . -19.94 8.77 -0.94
C7 FAD D . -21.29 9.04 -1.14
C7M FAD D . -21.81 10.43 -0.87
C8 FAD D . -22.15 8.02 -1.59
C8M FAD D . -23.61 8.28 -1.81
C9 FAD D . -21.63 6.75 -1.82
C9A FAD D . -20.28 6.48 -1.62
N10 FAD D . -19.72 5.20 -1.83
C10 FAD D . -18.37 4.98 -1.63
C1' FAD D . -20.53 4.08 -2.33
C2' FAD D . -20.14 3.69 -3.75
O2' FAD D . -20.13 4.85 -4.60
C3' FAD D . -21.14 2.68 -4.30
O3' FAD D . -21.16 1.53 -3.46
C4' FAD D . -20.76 2.23 -5.72
O4' FAD D . -20.66 3.37 -6.56
C5' FAD D . -21.77 1.26 -6.29
O5' FAD D . -21.49 1.06 -7.69
P FAD D . -22.57 0.44 -8.64
O1P FAD D . -23.19 -0.75 -7.91
O2P FAD D . -21.99 0.20 -9.99
O3P FAD D . -23.70 1.56 -8.72
H51A FAD D . -25.59 2.77 -11.07
H52A FAD D . -24.93 1.42 -11.39
H4B FAD D . -24.11 2.27 -13.37
H3B FAD D . -24.39 4.67 -12.43
HO3A FAD D . -23.74 3.82 -14.80
H2B FAD D . -26.55 4.89 -12.88
HO2A FAD D . -26.17 5.46 -15.32
H1B FAD D . -26.21 3.37 -15.19
H8A FAD D . -28.67 3.94 -12.56
H61A FAD D . -32.63 2.22 -14.93
H62A FAD D . -32.90 2.61 -16.35
H2A FAD D . -29.02 1.67 -18.24
HN3 FAD D . -14.92 4.43 -1.09
H6 FAD D . -19.27 9.34 -0.66
HM71 FAD D . -22.29 10.73 -1.63
HM72 FAD D . -21.10 11.00 -0.70
HM73 FAD D . -22.39 10.41 -0.13
HM81 FAD D . -24.05 7.48 -2.05
HM82 FAD D . -23.72 8.91 -2.50
HM83 FAD D . -24.00 8.62 -1.02
H9 FAD D . -22.38 6.20 -1.78
H1'1 FAD D . -21.43 4.34 -2.32
H1'2 FAD D . -20.41 3.34 -1.76
H2' FAD D . -19.28 3.31 -3.74
HO2' FAD D . -20.87 4.91 -4.98
H3' FAD D . -22.00 3.05 -4.29
HO3' FAD D . -21.71 0.98 -3.73
H4' FAD D . -19.92 1.81 -5.68
HO4' FAD D . -20.57 3.13 -7.35
H5'1 FAD D . -22.63 1.61 -6.18
H5'2 FAD D . -21.71 0.44 -5.83
O12 TDC E . 27.33 0.66 11.81
C12 TDC E . 26.52 0.98 12.67
C1B TDC E . 26.49 0.28 13.98
C11 TDC E . 27.19 -0.93 14.13
O11 TDC E . 27.85 -1.45 13.07
C1A TDC E . 27.20 -1.62 15.36
C10 TDC E . 27.90 -2.87 15.53
O10 TDC E . 28.57 -3.38 14.46
C9 TDC E . 27.89 -3.51 16.75
C8 TDC E . 27.20 -2.96 17.83
C7 TDC E . 26.53 -1.78 17.71
C61 TDC E . 26.50 -1.08 16.47
C6 TDC E . 25.81 0.16 16.32
C62 TDC E . 25.08 0.71 17.53
C51 TDC E . 25.81 0.83 15.08
C5 TDC E . 25.10 2.12 14.87
C1C TDC E . 25.53 2.09 12.40
C1 TDC E . 26.25 3.40 12.16
O1 TDC E . 27.49 3.41 12.18
O1C TDC E . 24.87 1.78 11.16
C41 TDC E . 24.47 2.25 13.48
C4 TDC E . 23.65 3.57 13.41
N4 TDC E . 22.20 3.25 13.32
C43 TDC E . 21.29 4.30 13.78
C42 TDC E . 21.75 2.73 12.02
C3 TDC E . 24.13 4.51 12.32
O3 TDC E . 23.19 5.33 11.88
C2 TDC E . 25.44 4.54 11.87
C21 TDC E . 25.96 5.73 11.13
O21 TDC E . 25.28 6.73 11.03
N21 TDC E . 27.30 5.77 10.52
H9 TDC E . 28.35 -4.33 16.84
H8 TDC E . 27.21 -3.41 18.66
H7 TDC E . 26.06 -1.42 18.45
H621 TDC E . 24.68 1.56 17.30
H622 TDC E . 25.71 0.83 18.26
H623 TDC E . 24.39 0.08 17.81
H5C1 TDC E . 25.72 2.86 15.00
H5C2 TDC E . 24.39 2.21 15.54
H41 TDC E . 23.84 1.52 13.29
H1C TDC E . 24.52 1.03 11.20
H4 TDC E . 23.77 4.06 14.24
H431 TDC E . 20.37 3.98 13.72
H432 TDC E . 21.40 5.09 13.22
H433 TDC E . 21.50 4.53 14.70
H421 TDC E . 20.80 2.51 12.07
H422 TDC E . 22.26 1.93 11.80
H423 TDC E . 21.89 3.41 11.33
H211 TDC E . 27.85 5.32 11.06
H212 TDC E . 27.54 6.63 10.54
PA FAD F . 18.09 -4.39 0.99
O1A FAD F . 16.97 -3.50 1.37
O2A FAD F . 19.49 -3.94 1.33
O5B FAD F . 18.01 -4.68 -0.53
C5B FAD F . 16.79 -5.19 -1.14
C4B FAD F . 16.80 -4.85 -2.60
O4B FAD F . 15.52 -5.21 -3.17
C3B FAD F . 17.02 -3.37 -2.93
O3B FAD F . 17.94 -3.23 -4.01
C2B FAD F . 15.62 -2.88 -3.31
O2B FAD F . 15.64 -1.81 -4.25
C1B FAD F . 15.05 -4.14 -3.95
N9A FAD F . 13.59 -4.21 -4.00
C8A FAD F . 12.71 -3.84 -3.03
N7A FAD F . 11.45 -4.04 -3.36
C5A FAD F . 11.52 -4.57 -4.63
C6A FAD F . 10.54 -4.99 -5.54
N6A FAD F . 9.23 -4.95 -5.30
N1A FAD F . 10.95 -5.48 -6.74
C2A FAD F . 12.26 -5.54 -7.00
N3A FAD F . 13.28 -5.16 -6.21
C4A FAD F . 12.84 -4.68 -5.04
N1 FAD F . 23.72 -3.74 8.54
C2 FAD F . 25.04 -3.97 8.81
O2 FAD F . 25.54 -5.09 8.67
N3 FAD F . 25.84 -2.94 9.27
C4 FAD F . 25.43 -1.64 9.49
O4 FAD F . 26.24 -0.81 9.91
C4X FAD F . 24.03 -1.41 9.20
N5 FAD F . 23.57 -0.22 9.38
C5X FAD F . 22.24 0.01 9.11
C6 FAD F . 21.74 1.30 9.31
C7 FAD F . 20.40 1.59 9.05
C7M FAD F . 19.91 2.99 9.27
C8 FAD F . 19.54 0.58 8.57
C8M FAD F . 18.10 0.87 8.29
C9 FAD F . 20.05 -0.70 8.38
C9A FAD F . 21.39 -1.00 8.64
N10 FAD F . 21.93 -2.29 8.47
C10 FAD F . 23.26 -2.53 8.72
C1' FAD F . 21.11 -3.39 7.95
C2' FAD F . 21.47 -3.71 6.49
O2' FAD F . 21.36 -2.53 5.69
C3' FAD F . 20.50 -4.75 5.96
O3' FAD F . 20.46 -5.86 6.85
C4' FAD F . 20.92 -5.26 4.57
O4' FAD F . 21.07 -4.16 3.69
C5' FAD F . 19.90 -6.24 4.03
O5' FAD F . 20.08 -6.36 2.61
P FAD F . 18.96 -6.99 1.71
O1P FAD F . 18.33 -8.16 2.47
O2P FAD F . 19.49 -7.29 0.36
O3P FAD F . 17.87 -5.84 1.63
H51A FAD F . 16.05 -4.80 -0.72
H52A FAD F . 16.76 -6.12 -1.03
H4B FAD F . 17.47 -5.34 -3.04
H3B FAD F . 17.32 -2.91 -2.16
HO3A FAD F . 17.89 -3.89 -4.50
H2B FAD F . 15.14 -2.64 -2.54
HO2A FAD F . 16.30 -1.89 -4.74
H1B FAD F . 15.38 -4.21 -4.84
H8A FAD F . 12.97 -3.49 -2.21
H61A FAD F . 8.94 -4.98 -4.49
H62A FAD F . 8.67 -4.88 -5.97
H2A FAD F . 12.50 -5.88 -7.82
HN3 FAD F . 26.66 -3.13 9.43
H6 FAD F . 22.41 1.86 9.61
HM71 FAD F . 19.47 3.30 8.51
HM72 FAD F . 20.62 3.55 9.48
HM73 FAD F . 19.30 3.00 10.00
HM81 FAD F . 17.66 0.07 8.06
HM82 FAD F . 18.04 1.48 7.58
HM83 FAD F . 17.69 1.24 9.05
H9 FAD F . 19.29 -1.24 8.39
H1'1 FAD F . 20.21 -3.15 7.99
H1'2 FAD F . 21.27 -4.16 8.46
H2' FAD F . 22.34 -4.04 6.45
HO2' FAD F . 20.97 -2.70 4.98
H3' FAD F . 19.64 -4.39 5.92
HO3' FAD F . 19.89 -6.42 6.60
H4' FAD F . 21.75 -5.70 4.64
HO4' FAD F . 21.15 -4.44 2.90
H5'1 FAD F . 19.04 -5.93 4.22
H5'2 FAD F . 20.02 -7.09 4.44
#